data_6J86
#
_entry.id   6J86
#
_cell.length_a   49.320
_cell.length_b   152.578
_cell.length_c   56.336
_cell.angle_alpha   90.00
_cell.angle_beta   115.96
_cell.angle_gamma   90.00
#
_symmetry.space_group_name_H-M   'P 1 21 1'
#
loop_
_entity.id
_entity.type
_entity.pdbx_description
1 polymer 'Nocardicin N-oxygenase'
2 non-polymer 'PROTOPORPHYRIN IX CONTAINING FE'
3 non-polymer N-[(2S)-1-hydroxy-3-(1H-indol-3-yl)propan-2-yl]-Nalpha-methyl-L-phenylalaninamide
4 water water
#
_entity_poly.entity_id   1
_entity_poly.type   'polypeptide(L)'
_entity_poly.pdbx_seq_one_letter_code
;MGSSHHHHHHSSGLVPRGSHMTGTPAPVRYPFGEAVRLDLHPTYAELRERRTLLRVRVPHGDDAWLVTRHEDVRTVLTDP
RFSRAAAAGRDEARLTPLVIRTSVMGVDPPDHTRLRRLVATAFSRRGVEHLRPGITALVRRLTDDMVGQGPPVDLVRSFV
TPLSGLVICDLLGVPYADRSRFRHWLEAFFSITALPADEVAVRIEAMYGYIAELVALRRAEPTEDLLGGLVRARDRDGSC
SEEELVDLANVLLLAGYHTTASQLASSLFVLLTQPEHAELLRSRPELAPRAVEELLRYVPLIAHVTFARYATEDVWLGGT
LVRAGEAVLPAVPSANRDAEVFDEPDRLDLTRRHNPHLAFGHGLHHCLGASLVRVQMEVALTMLLGRFPDLALAAPPDEV
PWTRGMQARSPLRLPVTWGGGERAAAAVGADRGAG
;
_entity_poly.pdbx_strand_id   A,B
#
loop_
_chem_comp.id
_chem_comp.type
_chem_comp.name
_chem_comp.formula
B9L non-polymer N-[(2S)-1-hydroxy-3-(1H-indol-3-yl)propan-2-yl]-Nalpha-methyl-L-phenylalaninamide 'C21 H25 N3 O2'
HEM non-polymer 'PROTOPORPHYRIN IX CONTAINING FE' 'C34 H32 Fe N4 O4'
#
# COMPACT_ATOMS: atom_id res chain seq x y z
N GLY A 23 -17.51 -16.42 -4.21
CA GLY A 23 -17.41 -15.84 -5.53
C GLY A 23 -16.43 -14.68 -5.67
N THR A 24 -15.21 -14.99 -6.09
CA THR A 24 -14.20 -13.97 -6.33
C THR A 24 -14.45 -13.27 -7.68
N PRO A 25 -13.94 -12.04 -7.86
CA PRO A 25 -14.28 -11.27 -9.06
C PRO A 25 -13.65 -11.86 -10.31
N ALA A 26 -14.07 -11.31 -11.45
CA ALA A 26 -13.60 -11.82 -12.73
C ALA A 26 -12.12 -11.49 -12.89
N PRO A 27 -11.28 -12.47 -13.22
CA PRO A 27 -9.85 -12.21 -13.38
C PRO A 27 -9.55 -11.32 -14.59
N VAL A 28 -8.74 -10.32 -14.37
CA VAL A 28 -8.28 -9.40 -15.40
C VAL A 28 -6.99 -9.96 -15.99
N ARG A 29 -6.72 -9.65 -17.26
CA ARG A 29 -5.50 -10.14 -17.91
C ARG A 29 -4.27 -9.38 -17.39
N TYR A 30 -3.31 -10.11 -16.85
CA TYR A 30 -2.04 -9.53 -16.43
C TYR A 30 -0.92 -10.37 -17.03
N PRO A 31 0.20 -9.76 -17.47
CA PRO A 31 0.60 -8.35 -17.52
C PRO A 31 -0.35 -7.44 -18.31
N PHE A 32 -0.54 -6.20 -17.83
CA PHE A 32 -1.45 -5.26 -18.48
C PHE A 32 -1.07 -5.02 -19.93
N GLY A 33 0.22 -5.00 -20.22
CA GLY A 33 0.71 -4.93 -21.59
C GLY A 33 2.20 -5.17 -21.55
N GLU A 34 2.83 -5.07 -22.71
CA GLU A 34 4.28 -5.11 -22.72
C GLU A 34 4.82 -3.99 -21.84
N ALA A 35 5.90 -4.27 -21.10
CA ALA A 35 6.60 -3.20 -20.39
C ALA A 35 7.51 -2.46 -21.38
N VAL A 36 7.34 -1.15 -21.49
CA VAL A 36 7.91 -0.36 -22.58
C VAL A 36 8.94 0.63 -22.01
N ARG A 37 10.18 0.52 -22.47
CA ARG A 37 11.28 1.35 -21.97
C ARG A 37 11.22 1.28 -20.44
N LEU A 38 11.23 2.41 -19.73
CA LEU A 38 11.10 2.40 -18.29
C LEU A 38 9.74 2.90 -17.82
N ASP A 39 8.75 2.90 -18.73
CA ASP A 39 7.47 3.50 -18.43
C ASP A 39 6.61 2.53 -17.65
N LEU A 40 5.78 3.05 -16.77
CA LEU A 40 4.92 2.22 -15.94
C LEU A 40 3.47 2.38 -16.39
N HIS A 41 2.80 1.24 -16.63
CA HIS A 41 1.41 1.24 -17.03
C HIS A 41 0.61 2.08 -16.06
N PRO A 42 -0.45 2.75 -16.52
CA PRO A 42 -1.25 3.60 -15.62
C PRO A 42 -2.10 2.84 -14.62
N THR A 43 -2.34 1.55 -14.81
CA THR A 43 -3.19 0.87 -13.84
C THR A 43 -2.52 0.78 -12.48
N TYR A 44 -1.18 0.72 -12.44
CA TYR A 44 -0.51 0.60 -11.14
C TYR A 44 -0.92 1.74 -10.21
N ALA A 45 -0.86 2.98 -10.72
CA ALA A 45 -1.21 4.14 -9.88
C ALA A 45 -2.70 4.15 -9.51
N GLU A 46 -3.58 3.80 -10.44
CA GLU A 46 -5.00 3.65 -10.09
C GLU A 46 -5.18 2.63 -8.96
N LEU A 47 -4.50 1.49 -9.06
CA LEU A 47 -4.66 0.45 -8.05
C LEU A 47 -4.17 0.88 -6.66
N ARG A 48 -3.07 1.64 -6.58
CA ARG A 48 -2.62 2.11 -5.28
C ARG A 48 -3.67 3.01 -4.64
N GLU A 49 -4.08 4.04 -5.37
CA GLU A 49 -5.19 4.89 -4.96
C GLU A 49 -6.41 4.12 -4.48
N ARG A 50 -6.71 2.99 -5.13
CA ARG A 50 -7.92 2.26 -4.76
C ARG A 50 -7.77 1.54 -3.42
N ARG A 51 -6.55 1.12 -3.07
CA ARG A 51 -6.26 0.32 -1.87
C ARG A 51 -6.92 -1.05 -1.95
N THR A 52 -6.94 -1.62 -3.15
CA THR A 52 -7.45 -2.98 -3.38
C THR A 52 -6.41 -3.80 -4.14
N LEU A 53 -6.42 -5.11 -3.88
CA LEU A 53 -5.71 -6.02 -4.77
C LEU A 53 -6.57 -6.28 -5.99
N LEU A 54 -5.91 -6.69 -7.07
CA LEU A 54 -6.56 -7.01 -8.35
C LEU A 54 -6.40 -8.49 -8.59
N ARG A 55 -7.51 -9.21 -8.60
CA ARG A 55 -7.53 -10.59 -9.08
C ARG A 55 -7.13 -10.62 -10.55
N VAL A 56 -6.04 -11.32 -10.86
CA VAL A 56 -5.50 -11.33 -12.22
C VAL A 56 -5.47 -12.77 -12.72
N ARG A 57 -5.16 -12.90 -14.00
CA ARG A 57 -5.00 -14.17 -14.70
C ARG A 57 -3.74 -14.04 -15.54
N VAL A 58 -2.75 -14.89 -15.29
CA VAL A 58 -1.39 -14.67 -15.80
C VAL A 58 -1.03 -15.68 -16.89
N PRO A 59 0.07 -15.49 -17.62
CA PRO A 59 0.38 -16.40 -18.72
C PRO A 59 0.39 -17.87 -18.33
N HIS A 60 0.83 -18.20 -17.13
CA HIS A 60 0.83 -19.57 -16.71
C HIS A 60 0.52 -19.67 -15.23
N GLY A 61 -0.02 -20.82 -14.84
CA GLY A 61 -0.24 -21.13 -13.46
C GLY A 61 -1.52 -20.56 -12.90
N ASP A 62 -1.56 -20.57 -11.57
CA ASP A 62 -2.69 -20.08 -10.81
C ASP A 62 -2.98 -18.62 -11.11
N ASP A 63 -4.24 -18.25 -10.95
CA ASP A 63 -4.59 -16.85 -10.78
C ASP A 63 -4.05 -16.38 -9.44
N ALA A 64 -3.95 -15.05 -9.31
CA ALA A 64 -3.32 -14.45 -8.16
C ALA A 64 -4.00 -13.11 -7.85
N TRP A 65 -3.65 -12.55 -6.70
CA TRP A 65 -3.88 -11.14 -6.43
C TRP A 65 -2.59 -10.38 -6.72
N LEU A 66 -2.69 -9.30 -7.49
CA LEU A 66 -1.54 -8.46 -7.81
C LEU A 66 -1.44 -7.36 -6.76
N VAL A 67 -0.31 -7.30 -6.07
CA VAL A 67 -0.10 -6.38 -4.94
C VAL A 67 0.74 -5.21 -5.42
N THR A 68 0.19 -4.00 -5.32
CA THR A 68 0.76 -2.81 -5.94
C THR A 68 1.27 -1.76 -4.94
N ARG A 69 0.71 -1.72 -3.74
CA ARG A 69 1.04 -0.65 -2.80
C ARG A 69 2.31 -0.98 -2.01
N HIS A 70 3.16 0.03 -1.83
CA HIS A 70 4.40 -0.14 -1.06
C HIS A 70 4.12 -0.80 0.28
N GLU A 71 3.12 -0.30 1.00
CA GLU A 71 2.78 -0.85 2.30
C GLU A 71 2.51 -2.35 2.23
N ASP A 72 1.77 -2.80 1.20
CA ASP A 72 1.34 -4.18 1.09
C ASP A 72 2.36 -5.08 0.41
N VAL A 73 3.15 -4.57 -0.54
CA VAL A 73 4.23 -5.39 -1.07
C VAL A 73 5.26 -5.68 0.02
N ARG A 74 5.47 -4.73 0.94
CA ARG A 74 6.21 -5.03 2.17
C ARG A 74 5.64 -6.25 2.88
N THR A 75 4.30 -6.29 3.06
CA THR A 75 3.67 -7.37 3.79
C THR A 75 3.82 -8.70 3.06
N VAL A 76 3.43 -8.76 1.78
CA VAL A 76 3.47 -10.05 1.11
C VAL A 76 4.89 -10.57 0.97
N LEU A 77 5.88 -9.69 0.95
CA LEU A 77 7.24 -10.13 0.67
C LEU A 77 7.84 -10.83 1.88
N THR A 78 7.45 -10.43 3.10
CA THR A 78 8.10 -11.00 4.27
C THR A 78 7.18 -11.44 5.41
N ASP A 79 5.87 -11.22 5.34
CA ASP A 79 4.97 -11.72 6.38
C ASP A 79 5.03 -13.24 6.41
N PRO A 80 5.11 -13.86 7.60
CA PRO A 80 5.22 -15.33 7.66
C PRO A 80 3.97 -16.05 7.16
N ARG A 81 2.83 -15.37 7.06
CA ARG A 81 1.64 -15.96 6.47
C ARG A 81 1.66 -15.96 4.97
N PHE A 82 2.80 -15.64 4.35
CA PHE A 82 2.95 -15.74 2.91
C PHE A 82 4.22 -16.54 2.63
N SER A 83 4.05 -17.74 2.09
CA SER A 83 5.14 -18.67 1.90
C SER A 83 5.62 -18.59 0.47
N ARG A 84 6.85 -18.99 0.27
CA ARG A 84 7.44 -19.08 -1.04
C ARG A 84 7.84 -20.52 -1.37
N ALA A 85 7.89 -21.39 -0.37
CA ALA A 85 7.99 -22.83 -0.58
C ALA A 85 6.66 -23.43 -1.02
N ALA A 86 5.55 -22.92 -0.46
CA ALA A 86 4.22 -23.35 -0.88
C ALA A 86 4.06 -23.38 -2.40
N ALA A 87 4.65 -22.41 -3.10
CA ALA A 87 4.50 -22.37 -4.55
C ALA A 87 5.04 -23.63 -5.21
N ALA A 88 5.94 -24.36 -4.54
CA ALA A 88 6.50 -25.57 -5.14
C ALA A 88 5.48 -26.70 -5.21
N GLY A 89 4.49 -26.70 -4.31
CA GLY A 89 3.43 -27.68 -4.37
C GLY A 89 2.22 -27.24 -5.17
N ARG A 90 2.41 -26.36 -6.16
CA ARG A 90 1.31 -25.76 -6.91
C ARG A 90 1.74 -25.50 -8.34
N ASP A 91 0.77 -25.12 -9.18
CA ASP A 91 1.08 -24.67 -10.54
C ASP A 91 1.26 -23.15 -10.48
N GLU A 92 2.49 -22.73 -10.23
CA GLU A 92 2.73 -21.40 -9.65
C GLU A 92 2.35 -20.30 -10.62
N ALA A 93 1.55 -19.35 -10.12
CA ALA A 93 1.28 -18.08 -10.80
C ALA A 93 2.58 -17.44 -11.27
N ARG A 94 2.69 -17.20 -12.56
CA ARG A 94 3.95 -16.77 -13.11
C ARG A 94 3.73 -16.19 -14.50
N LEU A 95 4.82 -15.70 -15.09
CA LEU A 95 4.81 -15.20 -16.46
C LEU A 95 5.73 -15.97 -17.39
N THR A 96 6.48 -16.92 -16.91
CA THR A 96 7.36 -17.80 -17.68
C THR A 96 6.66 -19.14 -17.95
N PRO A 97 6.89 -19.80 -19.09
CA PRO A 97 6.18 -21.05 -19.36
C PRO A 97 6.58 -22.20 -18.43
N LEU A 98 7.79 -22.19 -17.88
CA LEU A 98 8.26 -23.22 -16.97
C LEU A 98 8.57 -22.62 -15.61
N VAL A 99 8.17 -23.32 -14.55
CA VAL A 99 8.54 -22.95 -13.20
C VAL A 99 10.06 -23.02 -13.07
N ILE A 100 10.66 -21.93 -12.59
CA ILE A 100 12.11 -21.83 -12.40
C ILE A 100 12.42 -22.24 -10.97
N ARG A 101 13.56 -22.94 -10.79
CA ARG A 101 14.02 -23.33 -9.48
C ARG A 101 14.92 -22.25 -8.91
N THR A 102 14.49 -21.65 -7.80
CA THR A 102 15.03 -20.39 -7.32
C THR A 102 15.94 -20.58 -6.10
N SER A 103 16.40 -21.80 -5.84
CA SER A 103 17.29 -22.07 -4.73
C SER A 103 16.79 -21.41 -3.45
N VAL A 104 17.63 -20.58 -2.83
CA VAL A 104 17.24 -19.95 -1.57
C VAL A 104 16.08 -18.96 -1.76
N MET A 105 15.81 -18.51 -2.98
CA MET A 105 14.65 -17.66 -3.21
C MET A 105 13.33 -18.42 -3.19
N GLY A 106 13.36 -19.76 -3.16
CA GLY A 106 12.13 -20.51 -3.20
C GLY A 106 11.90 -21.44 -2.02
N VAL A 107 12.55 -21.21 -0.89
CA VAL A 107 12.37 -22.02 0.29
C VAL A 107 12.06 -21.11 1.47
N ASP A 108 11.55 -21.70 2.54
CA ASP A 108 11.25 -21.03 3.80
C ASP A 108 12.25 -21.44 4.87
N PRO A 109 12.22 -20.78 6.03
CA PRO A 109 12.85 -21.37 7.20
C PRO A 109 12.21 -22.72 7.47
N PRO A 110 13.00 -23.75 7.78
CA PRO A 110 14.41 -23.65 8.14
C PRO A 110 15.36 -23.81 6.97
N ASP A 111 14.84 -24.15 5.79
CA ASP A 111 15.73 -24.38 4.66
C ASP A 111 16.41 -23.12 4.21
N HIS A 112 15.73 -21.97 4.34
CA HIS A 112 16.30 -20.72 3.87
C HIS A 112 17.46 -20.28 4.75
N THR A 113 17.27 -20.37 6.07
CA THR A 113 18.35 -20.12 7.03
C THR A 113 19.57 -21.00 6.77
N ARG A 114 19.35 -22.30 6.56
CA ARG A 114 20.46 -23.23 6.28
C ARG A 114 21.22 -22.80 5.05
N LEU A 115 20.52 -22.58 3.94
CA LEU A 115 21.18 -22.28 2.67
C LEU A 115 21.80 -20.89 2.68
N ARG A 116 21.08 -19.89 3.23
CA ARG A 116 21.61 -18.53 3.14
C ARG A 116 22.87 -18.39 3.98
N ARG A 117 22.96 -19.15 5.08
CA ARG A 117 24.11 -19.07 5.98
C ARG A 117 25.44 -19.30 5.25
N LEU A 118 25.41 -20.07 4.17
CA LEU A 118 26.61 -20.45 3.42
C LEU A 118 27.15 -19.33 2.55
N VAL A 119 26.45 -18.22 2.43
CA VAL A 119 26.92 -17.19 1.50
C VAL A 119 26.75 -15.82 2.15
N ALA A 120 26.27 -15.80 3.39
CA ALA A 120 25.94 -14.54 4.05
C ALA A 120 27.14 -13.62 4.18
N THR A 121 28.30 -14.15 4.59
CA THR A 121 29.47 -13.32 4.85
C THR A 121 30.18 -12.89 3.57
N ALA A 122 30.28 -13.77 2.58
CA ALA A 122 30.91 -13.36 1.33
C ALA A 122 30.16 -12.23 0.65
N PHE A 123 28.92 -11.97 1.05
CA PHE A 123 28.10 -10.93 0.43
C PHE A 123 27.83 -9.76 1.38
N SER A 124 28.38 -9.80 2.59
CA SER A 124 28.17 -8.78 3.59
C SER A 124 28.76 -7.44 3.13
N ARG A 125 28.39 -6.37 3.83
CA ARG A 125 28.94 -5.07 3.54
C ARG A 125 30.46 -5.07 3.70
N ARG A 126 30.94 -5.52 4.86
CA ARG A 126 32.38 -5.59 5.07
C ARG A 126 33.05 -6.54 4.07
N GLY A 127 32.40 -7.65 3.75
CA GLY A 127 33.05 -8.63 2.90
C GLY A 127 33.12 -8.18 1.46
N VAL A 128 32.09 -7.49 1.00
CA VAL A 128 32.06 -6.93 -0.34
C VAL A 128 33.03 -5.75 -0.49
N GLU A 129 33.27 -5.01 0.59
CA GLU A 129 34.14 -3.83 0.48
C GLU A 129 35.56 -4.21 0.10
N HIS A 130 36.02 -5.38 0.50
CA HIS A 130 37.35 -5.83 0.12
C HIS A 130 37.47 -6.09 -1.36
N LEU A 131 36.34 -6.17 -2.06
CA LEU A 131 36.32 -6.24 -3.52
C LEU A 131 36.44 -4.87 -4.18
N ARG A 132 36.27 -3.78 -3.43
CA ARG A 132 36.32 -2.45 -4.04
C ARG A 132 37.61 -2.16 -4.80
N PRO A 133 38.81 -2.52 -4.30
CA PRO A 133 40.00 -2.40 -5.15
C PRO A 133 39.81 -3.02 -6.52
N GLY A 134 39.44 -4.30 -6.56
CA GLY A 134 39.47 -5.04 -7.82
C GLY A 134 38.45 -4.54 -8.82
N ILE A 135 37.21 -4.29 -8.36
CA ILE A 135 36.21 -3.64 -9.19
C ILE A 135 36.74 -2.32 -9.72
N THR A 136 37.37 -1.52 -8.86
CA THR A 136 37.90 -0.24 -9.30
C THR A 136 39.00 -0.43 -10.32
N ALA A 137 39.90 -1.38 -10.06
CA ALA A 137 40.91 -1.72 -11.04
C ALA A 137 40.28 -2.23 -12.33
N LEU A 138 39.16 -2.94 -12.22
CA LEU A 138 38.48 -3.45 -13.42
C LEU A 138 37.75 -2.35 -14.18
N VAL A 139 37.14 -1.38 -13.47
CA VAL A 139 36.48 -0.28 -14.15
C VAL A 139 37.49 0.63 -14.84
N ARG A 140 38.57 0.99 -14.16
CA ARG A 140 39.64 1.75 -14.82
C ARG A 140 40.07 1.08 -16.11
N ARG A 141 40.47 -0.19 -16.03
CA ARG A 141 40.83 -0.92 -17.23
C ARG A 141 39.73 -0.86 -18.27
N LEU A 142 38.47 -0.97 -17.82
CA LEU A 142 37.37 -0.98 -18.79
C LEU A 142 37.19 0.37 -19.45
N THR A 143 37.40 1.46 -18.70
CA THR A 143 37.34 2.78 -19.32
C THR A 143 38.68 3.21 -19.91
N ASP A 144 39.78 2.50 -19.59
CA ASP A 144 41.04 2.70 -20.30
C ASP A 144 40.90 2.37 -21.77
N ASP A 145 40.17 1.31 -22.08
CA ASP A 145 40.02 0.92 -23.47
C ASP A 145 39.17 1.94 -24.22
N MET A 146 38.07 2.39 -23.62
CA MET A 146 37.19 3.36 -24.25
C MET A 146 37.95 4.63 -24.61
N VAL A 147 38.75 5.15 -23.68
CA VAL A 147 39.59 6.32 -23.95
C VAL A 147 40.40 6.11 -25.22
N GLY A 148 41.20 5.04 -25.25
CA GLY A 148 42.03 4.80 -26.43
C GLY A 148 41.25 4.62 -27.71
N GLN A 149 40.05 4.06 -27.62
CA GLN A 149 39.35 3.66 -28.84
C GLN A 149 38.48 4.77 -29.43
N GLY A 150 37.87 5.58 -28.58
CA GLY A 150 37.17 6.76 -29.05
C GLY A 150 35.73 6.50 -29.42
N PRO A 151 34.93 7.55 -29.34
CA PRO A 151 33.50 7.44 -29.65
C PRO A 151 33.28 7.04 -31.10
N PRO A 152 32.13 6.43 -31.44
CA PRO A 152 31.07 5.98 -30.54
C PRO A 152 31.38 4.65 -29.87
N VAL A 153 30.73 4.39 -28.74
CA VAL A 153 30.90 3.16 -27.97
C VAL A 153 29.51 2.67 -27.58
N ASP A 154 29.30 1.36 -27.64
CA ASP A 154 28.14 0.77 -26.98
C ASP A 154 28.53 0.50 -25.54
N LEU A 155 28.02 1.33 -24.63
CA LEU A 155 28.32 1.16 -23.20
C LEU A 155 27.94 -0.22 -22.71
N VAL A 156 26.94 -0.84 -23.36
CA VAL A 156 26.48 -2.15 -22.92
C VAL A 156 27.54 -3.21 -23.22
N ARG A 157 28.00 -3.28 -24.47
CA ARG A 157 28.94 -4.33 -24.88
C ARG A 157 30.33 -4.07 -24.35
N SER A 158 30.72 -2.80 -24.19
CA SER A 158 32.09 -2.49 -23.82
C SER A 158 32.27 -2.17 -22.34
N PHE A 159 31.21 -1.86 -21.60
CA PHE A 159 31.37 -1.55 -20.18
C PHE A 159 30.45 -2.35 -19.28
N VAL A 160 29.14 -2.31 -19.51
CA VAL A 160 28.20 -2.88 -18.55
C VAL A 160 28.36 -4.39 -18.47
N THR A 161 28.35 -5.06 -19.63
CA THR A 161 28.41 -6.51 -19.65
C THR A 161 29.74 -7.05 -19.13
N PRO A 162 30.90 -6.60 -19.62
CA PRO A 162 32.16 -6.99 -18.95
C PRO A 162 32.14 -6.81 -17.45
N LEU A 163 31.74 -5.63 -16.96
CA LEU A 163 31.92 -5.30 -15.56
C LEU A 163 31.14 -6.27 -14.66
N SER A 164 29.83 -6.37 -14.86
CA SER A 164 29.05 -7.32 -14.08
C SER A 164 29.37 -8.75 -14.46
N GLY A 165 29.83 -8.98 -15.68
CA GLY A 165 30.19 -10.33 -16.08
C GLY A 165 31.46 -10.83 -15.42
N LEU A 166 32.46 -9.97 -15.31
CA LEU A 166 33.74 -10.38 -14.71
C LEU A 166 33.65 -10.39 -13.19
N VAL A 167 32.95 -9.42 -12.59
CA VAL A 167 32.82 -9.40 -11.14
C VAL A 167 32.24 -10.73 -10.65
N ILE A 168 31.05 -11.08 -11.16
CA ILE A 168 30.38 -12.29 -10.67
C ILE A 168 31.18 -13.55 -11.01
N CYS A 169 31.87 -13.56 -12.17
CA CYS A 169 32.58 -14.77 -12.56
C CYS A 169 33.86 -14.96 -11.76
N ASP A 170 34.50 -13.88 -11.34
CA ASP A 170 35.68 -14.01 -10.45
C ASP A 170 35.24 -14.43 -9.06
N LEU A 171 34.21 -13.77 -8.53
CA LEU A 171 33.74 -14.10 -7.19
C LEU A 171 33.29 -15.56 -7.14
N LEU A 172 32.58 -16.01 -8.15
CA LEU A 172 31.96 -17.33 -8.12
C LEU A 172 32.85 -18.42 -8.69
N GLY A 173 33.91 -18.08 -9.43
CA GLY A 173 34.76 -19.09 -10.01
C GLY A 173 34.29 -19.62 -11.34
N VAL A 174 33.27 -19.04 -11.94
CA VAL A 174 32.78 -19.46 -13.25
C VAL A 174 33.69 -18.90 -14.34
N PRO A 175 34.30 -19.74 -15.17
CA PRO A 175 35.17 -19.22 -16.23
C PRO A 175 34.44 -18.23 -17.13
N TYR A 176 34.84 -16.95 -17.08
CA TYR A 176 34.31 -15.91 -17.95
C TYR A 176 34.79 -16.08 -19.39
N ALA A 177 35.79 -16.92 -19.64
CA ALA A 177 36.07 -17.33 -21.00
C ALA A 177 34.92 -18.13 -21.59
N ASP A 178 34.18 -18.87 -20.75
CA ASP A 178 33.02 -19.65 -21.15
C ASP A 178 31.79 -18.81 -21.40
N ARG A 179 31.89 -17.48 -21.28
CA ARG A 179 30.72 -16.62 -21.43
C ARG A 179 30.07 -16.79 -22.80
N SER A 180 30.83 -17.21 -23.81
CA SER A 180 30.26 -17.40 -25.13
C SER A 180 29.17 -18.46 -25.11
N ARG A 181 29.34 -19.51 -24.28
CA ARG A 181 28.38 -20.61 -24.26
C ARG A 181 27.19 -20.32 -23.35
N PHE A 182 27.44 -20.01 -22.07
CA PHE A 182 26.36 -20.03 -21.09
C PHE A 182 25.49 -18.79 -21.10
N ARG A 183 25.95 -17.66 -21.65
CA ARG A 183 25.08 -16.49 -21.70
C ARG A 183 24.01 -16.62 -22.78
N HIS A 184 24.10 -17.66 -23.61
CA HIS A 184 22.96 -18.11 -24.42
C HIS A 184 21.85 -18.65 -23.53
N TRP A 185 22.20 -19.54 -22.61
CA TRP A 185 21.21 -20.17 -21.75
C TRP A 185 20.68 -19.21 -20.70
N LEU A 186 21.51 -18.28 -20.23
CA LEU A 186 21.11 -17.37 -19.15
C LEU A 186 19.74 -16.76 -19.43
N GLU A 187 19.48 -16.39 -20.68
CA GLU A 187 18.27 -15.68 -21.05
C GLU A 187 17.05 -16.57 -21.18
N ALA A 188 17.19 -17.88 -21.01
CA ALA A 188 16.03 -18.76 -20.92
C ALA A 188 15.34 -18.65 -19.57
N PHE A 189 16.08 -18.29 -18.52
CA PHE A 189 15.45 -18.12 -17.22
C PHE A 189 14.63 -16.84 -17.12
N PHE A 190 14.93 -15.84 -17.96
CA PHE A 190 14.31 -14.51 -17.90
C PHE A 190 13.16 -14.36 -18.89
N SER A 191 12.90 -15.37 -19.70
CA SER A 191 12.03 -15.24 -20.86
C SER A 191 10.56 -15.42 -20.49
N ILE A 192 9.73 -14.46 -20.90
CA ILE A 192 8.27 -14.49 -20.82
C ILE A 192 7.71 -14.90 -22.17
N THR A 193 7.84 -14.01 -23.17
CA THR A 193 7.30 -14.24 -24.51
C THR A 193 8.38 -14.28 -25.61
N ALA A 194 9.66 -14.28 -25.25
CA ALA A 194 10.71 -14.22 -26.25
C ALA A 194 11.14 -15.60 -26.75
N LEU A 195 10.73 -16.68 -26.09
CA LEU A 195 11.16 -18.01 -26.49
C LEU A 195 10.02 -19.00 -26.30
N PRO A 196 9.95 -20.02 -27.15
CA PRO A 196 8.94 -21.07 -26.95
C PRO A 196 9.28 -21.94 -25.75
N ALA A 197 8.26 -22.60 -25.22
CA ALA A 197 8.45 -23.42 -24.02
C ALA A 197 9.43 -24.57 -24.23
N ASP A 198 9.62 -25.06 -25.46
CA ASP A 198 10.58 -26.15 -25.64
C ASP A 198 12.01 -25.63 -25.69
N GLU A 199 12.20 -24.45 -26.30
CA GLU A 199 13.50 -23.80 -26.31
C GLU A 199 13.92 -23.38 -24.90
N VAL A 200 12.96 -23.05 -24.05
CA VAL A 200 13.23 -22.68 -22.67
C VAL A 200 13.77 -23.89 -21.91
N ALA A 201 13.10 -25.04 -22.03
CA ALA A 201 13.52 -26.22 -21.28
C ALA A 201 14.85 -26.76 -21.78
N VAL A 202 15.16 -26.55 -23.06
CA VAL A 202 16.41 -27.07 -23.62
C VAL A 202 17.61 -26.36 -23.00
N ARG A 203 17.59 -25.02 -23.00
CA ARG A 203 18.70 -24.26 -22.46
C ARG A 203 18.81 -24.39 -20.94
N ILE A 204 17.67 -24.45 -20.25
CA ILE A 204 17.73 -24.54 -18.78
C ILE A 204 18.54 -25.75 -18.35
N GLU A 205 18.32 -26.92 -18.99
CA GLU A 205 19.20 -28.05 -18.68
C GLU A 205 20.60 -27.85 -19.22
N ALA A 206 20.77 -27.19 -20.38
CA ALA A 206 22.12 -26.95 -20.87
C ALA A 206 22.96 -26.31 -19.78
N MET A 207 22.36 -25.37 -19.03
CA MET A 207 23.09 -24.63 -18.00
C MET A 207 23.30 -25.44 -16.74
N TYR A 208 22.28 -26.17 -16.29
CA TYR A 208 22.45 -27.04 -15.13
C TYR A 208 23.52 -28.09 -15.38
N GLY A 209 23.57 -28.63 -16.59
CA GLY A 209 24.66 -29.50 -16.96
C GLY A 209 26.00 -28.79 -16.86
N TYR A 210 26.06 -27.55 -17.35
CA TYR A 210 27.29 -26.78 -17.28
C TYR A 210 27.70 -26.52 -15.84
N ILE A 211 26.77 -26.04 -15.02
CA ILE A 211 27.07 -25.82 -13.60
C ILE A 211 27.46 -27.13 -12.94
N ALA A 212 26.67 -28.20 -13.15
CA ALA A 212 26.99 -29.51 -12.59
C ALA A 212 28.39 -29.97 -12.97
N GLU A 213 28.87 -29.61 -14.15
CA GLU A 213 30.24 -29.96 -14.53
C GLU A 213 31.25 -29.12 -13.76
N LEU A 214 30.97 -27.83 -13.57
CA LEU A 214 31.88 -26.98 -12.79
C LEU A 214 32.04 -27.54 -11.39
N VAL A 215 30.94 -27.93 -10.76
CA VAL A 215 30.96 -28.48 -9.41
C VAL A 215 31.77 -29.77 -9.35
N ALA A 216 31.82 -30.51 -10.47
CA ALA A 216 32.61 -31.74 -10.51
C ALA A 216 34.10 -31.45 -10.40
N LEU A 217 34.60 -30.50 -11.21
CA LEU A 217 36.02 -30.14 -11.19
C LEU A 217 36.47 -29.70 -9.82
N ARG A 218 35.59 -29.07 -9.04
CA ARG A 218 35.91 -28.63 -7.69
C ARG A 218 35.98 -29.76 -6.68
N ARG A 219 35.63 -30.99 -7.06
CA ARG A 219 35.95 -32.14 -6.24
C ARG A 219 37.33 -32.68 -6.59
N ALA A 220 37.58 -32.80 -7.90
CA ALA A 220 38.90 -33.16 -8.42
C ALA A 220 39.99 -32.25 -7.89
N GLU A 221 39.71 -30.97 -7.80
CA GLU A 221 40.74 -29.95 -7.66
C GLU A 221 40.11 -28.72 -7.02
N PRO A 222 39.98 -28.70 -5.70
CA PRO A 222 39.34 -27.56 -5.02
C PRO A 222 39.96 -26.23 -5.44
N THR A 223 39.13 -25.18 -5.37
CA THR A 223 39.48 -23.83 -5.76
C THR A 223 39.22 -22.89 -4.59
N GLU A 224 39.78 -21.69 -4.69
CA GLU A 224 39.66 -20.67 -3.64
C GLU A 224 38.61 -19.61 -3.97
N ASP A 225 37.51 -20.01 -4.58
CA ASP A 225 36.45 -19.08 -4.97
C ASP A 225 35.16 -19.46 -4.23
N LEU A 226 34.09 -18.71 -4.50
CA LEU A 226 32.85 -18.95 -3.76
C LEU A 226 32.22 -20.30 -4.10
N LEU A 227 32.36 -20.77 -5.34
CA LEU A 227 31.86 -22.10 -5.69
C LEU A 227 32.70 -23.21 -5.07
N GLY A 228 34.00 -22.97 -4.87
CA GLY A 228 34.85 -24.02 -4.34
C GLY A 228 34.51 -24.35 -2.91
N GLY A 229 34.11 -23.33 -2.14
CA GLY A 229 33.74 -23.51 -0.75
C GLY A 229 32.33 -24.03 -0.56
N LEU A 230 31.45 -23.79 -1.53
CA LEU A 230 30.11 -24.39 -1.50
C LEU A 230 30.18 -25.90 -1.70
N VAL A 231 31.11 -26.39 -2.52
CA VAL A 231 31.24 -27.85 -2.67
C VAL A 231 31.92 -28.46 -1.44
N ARG A 232 32.89 -27.77 -0.83
CA ARG A 232 33.40 -28.20 0.46
C ARG A 232 32.29 -28.28 1.50
N ALA A 233 31.43 -27.25 1.54
CA ALA A 233 30.36 -27.21 2.55
C ALA A 233 29.38 -28.38 2.40
N ARG A 234 29.03 -28.75 1.16
CA ARG A 234 28.24 -29.97 1.00
C ARG A 234 29.08 -31.22 1.27
N ASP A 235 30.34 -31.24 0.78
CA ASP A 235 31.17 -32.44 0.83
C ASP A 235 31.74 -32.75 2.22
N ARG A 236 31.96 -31.76 3.09
CA ARG A 236 32.44 -32.08 4.44
C ARG A 236 31.56 -31.59 5.58
N ASP A 237 30.58 -30.74 5.34
CA ASP A 237 29.57 -30.44 6.34
C ASP A 237 28.22 -31.05 6.01
N GLY A 238 28.03 -31.58 4.81
CA GLY A 238 26.72 -32.07 4.42
C GLY A 238 25.64 -31.03 4.66
N SER A 239 25.91 -29.79 4.27
CA SER A 239 25.02 -28.68 4.61
C SER A 239 23.94 -28.50 3.56
N CYS A 240 24.08 -29.12 2.39
CA CYS A 240 23.08 -28.98 1.36
C CYS A 240 23.05 -30.24 0.48
N SER A 241 22.00 -30.33 -0.33
CA SER A 241 21.91 -31.39 -1.31
C SER A 241 22.71 -31.02 -2.55
N GLU A 242 23.02 -32.02 -3.38
CA GLU A 242 23.74 -31.76 -4.61
C GLU A 242 22.92 -30.91 -5.57
N GLU A 243 21.61 -31.12 -5.59
CA GLU A 243 20.75 -30.25 -6.38
C GLU A 243 20.64 -28.85 -5.75
N GLU A 244 20.57 -28.76 -4.41
CA GLU A 244 20.56 -27.45 -3.76
C GLU A 244 21.86 -26.68 -4.02
N LEU A 245 22.97 -27.40 -4.14
CA LEU A 245 24.24 -26.76 -4.44
C LEU A 245 24.27 -26.23 -5.87
N VAL A 246 23.77 -27.01 -6.82
CA VAL A 246 23.70 -26.58 -8.22
C VAL A 246 22.72 -25.42 -8.40
N ASP A 247 21.59 -25.46 -7.66
CA ASP A 247 20.61 -24.37 -7.72
C ASP A 247 21.16 -23.08 -7.15
N LEU A 248 21.78 -23.17 -5.97
CA LEU A 248 22.38 -21.99 -5.36
C LEU A 248 23.42 -21.39 -6.27
N ALA A 249 24.16 -22.26 -6.99
CA ALA A 249 25.21 -21.79 -7.89
C ALA A 249 24.62 -21.16 -9.13
N ASN A 250 23.58 -21.77 -9.68
CA ASN A 250 22.92 -21.20 -10.84
C ASN A 250 22.39 -19.80 -10.54
N VAL A 251 21.62 -19.66 -9.46
CA VAL A 251 20.95 -18.40 -9.15
C VAL A 251 21.97 -17.29 -8.90
N LEU A 252 23.07 -17.60 -8.21
CA LEU A 252 24.10 -16.59 -7.99
C LEU A 252 24.71 -16.10 -9.30
N LEU A 253 24.76 -16.93 -10.33
CA LEU A 253 25.27 -16.44 -11.61
C LEU A 253 24.17 -15.74 -12.41
N LEU A 254 22.95 -16.29 -12.38
CA LEU A 254 21.80 -15.63 -12.97
C LEU A 254 21.74 -14.16 -12.52
N ALA A 255 21.66 -13.95 -11.21
CA ALA A 255 21.39 -12.65 -10.59
C ALA A 255 22.55 -11.67 -10.71
N GLY A 256 23.73 -12.10 -11.11
CA GLY A 256 24.84 -11.18 -11.17
C GLY A 256 25.17 -10.81 -12.59
N TYR A 257 25.13 -11.81 -13.48
CA TYR A 257 25.41 -11.55 -14.89
C TYR A 257 24.34 -10.66 -15.50
N HIS A 258 23.10 -11.12 -15.50
CA HIS A 258 22.07 -10.41 -16.26
C HIS A 258 21.46 -9.27 -15.46
N THR A 259 21.05 -9.54 -14.21
CA THR A 259 20.25 -8.57 -13.47
C THR A 259 21.06 -7.34 -13.12
N THR A 260 22.28 -7.53 -12.61
CA THR A 260 23.18 -6.40 -12.37
C THR A 260 23.39 -5.59 -13.65
N ALA A 261 23.69 -6.26 -14.76
CA ALA A 261 23.94 -5.54 -16.00
C ALA A 261 22.74 -4.71 -16.43
N SER A 262 21.53 -5.24 -16.23
CA SER A 262 20.31 -4.59 -16.73
C SER A 262 19.98 -3.35 -15.92
N GLN A 263 20.15 -3.41 -14.59
CA GLN A 263 19.97 -2.22 -13.78
C GLN A 263 21.05 -1.17 -14.08
N LEU A 264 22.29 -1.60 -14.31
CA LEU A 264 23.31 -0.61 -14.65
C LEU A 264 23.04 -0.04 -16.03
N ALA A 265 22.78 -0.90 -17.01
CA ALA A 265 22.38 -0.42 -18.34
C ALA A 265 21.20 0.55 -18.23
N SER A 266 20.17 0.14 -17.52
CA SER A 266 18.99 1.00 -17.37
C SER A 266 19.34 2.29 -16.65
N SER A 267 20.12 2.20 -15.58
CA SER A 267 20.54 3.41 -14.89
C SER A 267 21.40 4.29 -15.77
N LEU A 268 22.21 3.71 -16.66
CA LEU A 268 22.96 4.58 -17.55
C LEU A 268 22.04 5.31 -18.52
N PHE A 269 21.04 4.61 -19.06
CA PHE A 269 20.11 5.24 -20.00
C PHE A 269 19.34 6.40 -19.35
N VAL A 270 18.97 6.25 -18.07
CA VAL A 270 18.29 7.35 -17.39
C VAL A 270 19.18 8.59 -17.36
N LEU A 271 20.34 8.48 -16.69
CA LEU A 271 21.22 9.64 -16.50
C LEU A 271 21.56 10.33 -17.82
N LEU A 272 21.75 9.54 -18.89
CA LEU A 272 22.12 10.11 -20.19
C LEU A 272 20.94 10.75 -20.92
N THR A 273 19.69 10.42 -20.55
CA THR A 273 18.52 11.13 -21.03
C THR A 273 18.07 12.25 -20.09
N GLN A 274 18.51 12.24 -18.83
CA GLN A 274 18.28 13.35 -17.90
C GLN A 274 19.64 13.90 -17.44
N PRO A 275 20.39 14.55 -18.35
CA PRO A 275 21.81 14.84 -18.08
C PRO A 275 22.07 15.85 -16.99
N GLU A 276 21.10 16.67 -16.60
CA GLU A 276 21.33 17.57 -15.48
C GLU A 276 21.56 16.78 -14.18
N HIS A 277 21.03 15.56 -14.11
CA HIS A 277 21.31 14.68 -12.98
C HIS A 277 22.70 14.06 -13.12
N ALA A 278 23.09 13.71 -14.35
CA ALA A 278 24.45 13.24 -14.59
C ALA A 278 25.48 14.27 -14.13
N GLU A 279 25.32 15.53 -14.57
CA GLU A 279 26.27 16.57 -14.19
C GLU A 279 26.12 16.98 -12.73
N LEU A 280 24.93 16.82 -12.15
CA LEU A 280 24.81 17.00 -10.71
C LEU A 280 25.64 15.94 -9.99
N LEU A 281 25.48 14.67 -10.40
CA LEU A 281 26.32 13.62 -9.84
C LEU A 281 27.78 13.82 -10.21
N ARG A 282 28.04 14.24 -11.46
CA ARG A 282 29.39 14.63 -11.86
C ARG A 282 29.98 15.67 -10.92
N SER A 283 29.26 16.77 -10.69
CA SER A 283 29.80 17.85 -9.86
C SER A 283 29.87 17.46 -8.40
N ARG A 284 28.99 16.57 -7.94
CA ARG A 284 28.97 16.11 -6.56
C ARG A 284 29.12 14.59 -6.55
N PRO A 285 30.35 14.07 -6.47
CA PRO A 285 30.53 12.62 -6.36
C PRO A 285 30.20 12.04 -4.98
N GLU A 286 30.28 12.83 -3.91
CA GLU A 286 29.84 12.37 -2.60
C GLU A 286 28.37 11.99 -2.58
N LEU A 287 27.62 12.36 -3.63
CA LEU A 287 26.24 11.95 -3.88
C LEU A 287 26.13 10.49 -4.34
N ALA A 288 27.24 9.77 -4.55
CA ALA A 288 27.16 8.47 -5.21
C ALA A 288 26.32 7.45 -4.45
N PRO A 289 26.43 7.29 -3.13
CA PRO A 289 25.53 6.33 -2.48
C PRO A 289 24.07 6.72 -2.56
N ARG A 290 23.76 8.02 -2.68
CA ARG A 290 22.37 8.45 -2.79
C ARG A 290 21.83 8.24 -4.19
N ALA A 291 22.65 8.57 -5.19
CA ALA A 291 22.29 8.36 -6.59
C ALA A 291 22.10 6.89 -6.89
N VAL A 292 22.80 6.02 -6.16
CA VAL A 292 22.68 4.58 -6.39
C VAL A 292 21.39 4.05 -5.80
N GLU A 293 21.04 4.50 -4.61
CA GLU A 293 19.78 4.09 -4.02
C GLU A 293 18.59 4.62 -4.81
N GLU A 294 18.72 5.84 -5.34
CA GLU A 294 17.59 6.41 -6.07
C GLU A 294 17.44 5.75 -7.43
N LEU A 295 18.54 5.36 -8.07
CA LEU A 295 18.41 4.70 -9.35
C LEU A 295 17.90 3.28 -9.20
N LEU A 296 18.03 2.71 -8.01
CA LEU A 296 17.43 1.41 -7.79
C LEU A 296 15.92 1.52 -7.66
N ARG A 297 15.44 2.64 -7.11
CA ARG A 297 14.02 2.90 -6.89
C ARG A 297 13.34 3.42 -8.15
N TYR A 298 13.94 4.43 -8.79
CA TYR A 298 13.32 5.09 -9.93
C TYR A 298 13.19 4.16 -11.13
N VAL A 299 14.19 3.31 -11.36
CA VAL A 299 14.29 2.52 -12.58
C VAL A 299 13.51 1.21 -12.38
N PRO A 300 12.46 0.97 -13.14
CA PRO A 300 11.73 -0.30 -12.94
C PRO A 300 12.48 -1.47 -13.56
N LEU A 301 13.38 -2.12 -12.80
CA LEU A 301 14.15 -3.24 -13.35
C LEU A 301 13.25 -4.46 -13.57
N ILE A 302 12.49 -4.85 -12.56
CA ILE A 302 11.47 -5.87 -12.72
C ILE A 302 10.45 -5.43 -13.76
N ALA A 303 10.22 -6.26 -14.77
CA ALA A 303 9.32 -5.87 -15.86
C ALA A 303 7.86 -5.78 -15.40
N HIS A 304 7.43 -6.64 -14.49
CA HIS A 304 6.05 -6.62 -14.03
C HIS A 304 5.97 -6.91 -12.53
N VAL A 305 6.24 -8.16 -12.13
CA VAL A 305 6.12 -8.60 -10.74
C VAL A 305 7.32 -9.45 -10.36
N THR A 306 7.45 -9.72 -9.07
CA THR A 306 8.44 -10.65 -8.57
C THR A 306 7.76 -11.98 -8.19
N PHE A 307 8.57 -12.95 -7.78
CA PHE A 307 8.10 -14.31 -7.57
C PHE A 307 6.91 -14.32 -6.63
N ALA A 308 5.93 -15.16 -6.94
CA ALA A 308 4.68 -15.19 -6.20
C ALA A 308 4.85 -15.87 -4.85
N ARG A 309 4.02 -15.43 -3.90
CA ARG A 309 3.89 -16.07 -2.60
C ARG A 309 2.47 -16.60 -2.45
N TYR A 310 2.34 -17.77 -1.84
CA TYR A 310 1.05 -18.35 -1.52
C TYR A 310 0.77 -18.11 -0.05
N ALA A 311 -0.43 -17.65 0.27
CA ALA A 311 -0.80 -17.57 1.67
C ALA A 311 -0.81 -18.98 2.25
N THR A 312 -0.42 -19.09 3.52
CA THR A 312 -0.54 -20.34 4.24
C THR A 312 -1.64 -20.32 5.27
N GLU A 313 -2.13 -19.13 5.60
CA GLU A 313 -3.37 -18.96 6.32
C GLU A 313 -4.04 -17.72 5.75
N ASP A 314 -5.20 -17.39 6.28
CA ASP A 314 -6.00 -16.31 5.72
C ASP A 314 -5.40 -14.96 6.11
N VAL A 315 -5.11 -14.14 5.10
CA VAL A 315 -4.59 -12.78 5.31
C VAL A 315 -5.52 -11.79 4.62
N TRP A 316 -5.87 -10.72 5.33
CA TRP A 316 -6.63 -9.61 4.77
C TRP A 316 -5.71 -8.45 4.49
N LEU A 317 -5.67 -8.01 3.23
CA LEU A 317 -5.05 -6.75 2.86
C LEU A 317 -5.61 -6.33 1.51
N GLY A 318 -5.39 -5.06 1.16
CA GLY A 318 -5.91 -4.54 -0.08
C GLY A 318 -7.37 -4.87 -0.33
N GLY A 319 -8.23 -4.59 0.67
CA GLY A 319 -9.66 -4.81 0.55
C GLY A 319 -10.07 -6.26 0.40
N THR A 320 -9.11 -7.19 0.45
CA THR A 320 -9.28 -8.60 0.17
C THR A 320 -8.94 -9.41 1.42
N LEU A 321 -9.79 -10.39 1.77
CA LEU A 321 -9.34 -11.46 2.66
C LEU A 321 -8.75 -12.53 1.75
N VAL A 322 -7.43 -12.49 1.60
CA VAL A 322 -6.75 -13.50 0.79
C VAL A 322 -6.75 -14.80 1.57
N ARG A 323 -7.12 -15.89 0.91
CA ARG A 323 -7.32 -17.16 1.56
C ARG A 323 -6.07 -18.04 1.47
N ALA A 324 -5.96 -18.94 2.43
CA ALA A 324 -4.94 -19.98 2.38
C ALA A 324 -4.93 -20.68 1.03
N GLY A 325 -3.76 -20.79 0.43
CA GLY A 325 -3.61 -21.46 -0.83
C GLY A 325 -3.69 -20.55 -2.02
N GLU A 326 -4.03 -19.29 -1.81
CA GLU A 326 -4.11 -18.34 -2.89
C GLU A 326 -2.78 -17.59 -3.03
N ALA A 327 -2.47 -17.23 -4.27
CA ALA A 327 -1.20 -16.61 -4.62
C ALA A 327 -1.33 -15.09 -4.71
N VAL A 328 -0.25 -14.40 -4.34
CA VAL A 328 -0.09 -12.98 -4.56
C VAL A 328 1.15 -12.74 -5.43
N LEU A 329 1.12 -11.71 -6.26
CA LEU A 329 2.25 -11.32 -7.09
C LEU A 329 2.72 -9.92 -6.71
N PRO A 330 3.92 -9.76 -6.12
CA PRO A 330 4.34 -8.43 -5.65
C PRO A 330 4.85 -7.56 -6.79
N ALA A 331 4.18 -6.42 -7.02
CA ALA A 331 4.59 -5.49 -8.08
C ALA A 331 5.59 -4.51 -7.48
N VAL A 332 6.83 -4.97 -7.35
CA VAL A 332 7.88 -4.15 -6.75
C VAL A 332 8.02 -2.79 -7.42
N PRO A 333 8.08 -2.67 -8.77
CA PRO A 333 8.26 -1.34 -9.36
C PRO A 333 7.15 -0.36 -9.03
N SER A 334 5.94 -0.87 -8.79
CA SER A 334 4.84 -0.01 -8.37
C SER A 334 5.04 0.44 -6.93
N ALA A 335 5.38 -0.49 -6.04
CA ALA A 335 5.72 -0.13 -4.67
C ALA A 335 6.66 1.08 -4.63
N ASN A 336 7.66 1.08 -5.48
CA ASN A 336 8.70 2.10 -5.49
C ASN A 336 8.24 3.44 -6.04
N ARG A 337 7.01 3.54 -6.54
CA ARG A 337 6.47 4.81 -6.96
C ARG A 337 5.36 5.28 -6.03
N ASP A 338 5.21 4.62 -4.88
CA ASP A 338 4.14 4.92 -3.95
C ASP A 338 4.26 6.34 -3.42
N ALA A 339 3.24 7.16 -3.66
CA ALA A 339 3.23 8.56 -3.23
C ALA A 339 3.05 8.73 -1.72
N GLU A 340 2.68 7.67 -1.00
CA GLU A 340 2.55 7.77 0.45
C GLU A 340 3.86 7.43 1.15
N VAL A 341 4.87 7.04 0.39
CA VAL A 341 6.18 6.74 0.93
C VAL A 341 7.26 7.66 0.35
N PHE A 342 7.18 7.98 -0.92
CA PHE A 342 8.22 8.74 -1.60
C PHE A 342 7.65 10.10 -1.97
N ASP A 343 8.30 11.17 -1.50
CA ASP A 343 7.95 12.51 -1.95
C ASP A 343 8.21 12.55 -3.45
N GLU A 344 7.24 13.11 -4.22
CA GLU A 344 7.36 13.28 -5.68
C GLU A 344 7.89 12.04 -6.38
N PRO A 345 7.12 10.94 -6.37
CA PRO A 345 7.70 9.62 -6.63
C PRO A 345 8.17 9.40 -8.05
N ASP A 346 7.61 10.11 -9.04
CA ASP A 346 7.95 9.94 -10.44
C ASP A 346 8.95 10.98 -10.95
N ARG A 347 9.65 11.68 -10.06
CA ARG A 347 10.78 12.53 -10.38
C ARG A 347 12.07 11.89 -9.87
N LEU A 348 13.10 11.88 -10.70
CA LEU A 348 14.41 11.40 -10.28
C LEU A 348 15.04 12.45 -9.37
N ASP A 349 15.22 12.11 -8.09
CA ASP A 349 15.89 12.99 -7.15
C ASP A 349 17.12 12.26 -6.61
N LEU A 350 18.21 12.32 -7.36
CA LEU A 350 19.47 11.73 -6.91
C LEU A 350 19.87 12.15 -5.49
N THR A 351 19.40 13.29 -5.00
CA THR A 351 19.81 13.75 -3.67
C THR A 351 18.96 13.20 -2.54
N ARG A 352 17.97 12.33 -2.82
CA ARG A 352 17.09 11.80 -1.78
C ARG A 352 17.92 11.10 -0.71
N ARG A 353 17.66 11.43 0.57
CA ARG A 353 18.54 10.96 1.64
C ARG A 353 18.02 9.66 2.27
N HIS A 354 16.74 9.63 2.65
CA HIS A 354 16.08 8.43 3.15
C HIS A 354 15.31 7.78 2.01
N ASN A 355 15.50 6.46 1.82
CA ASN A 355 15.06 5.78 0.60
C ASN A 355 14.64 4.35 0.92
N PRO A 356 13.49 4.16 1.57
CA PRO A 356 13.05 2.79 1.88
C PRO A 356 12.42 2.09 0.67
N HIS A 357 13.18 2.03 -0.42
CA HIS A 357 12.67 1.34 -1.59
C HIS A 357 12.73 -0.16 -1.36
N LEU A 358 12.26 -0.90 -2.38
CA LEU A 358 12.13 -2.36 -2.39
C LEU A 358 12.77 -2.96 -3.64
N ALA A 359 13.63 -2.21 -4.32
CA ALA A 359 14.29 -2.77 -5.49
C ALA A 359 15.08 -4.02 -5.15
N PHE A 360 15.45 -4.20 -3.88
CA PHE A 360 16.09 -5.41 -3.38
C PHE A 360 15.15 -6.26 -2.53
N GLY A 361 13.85 -6.14 -2.76
CA GLY A 361 12.93 -6.87 -1.94
C GLY A 361 12.91 -6.34 -0.52
N HIS A 362 12.33 -7.14 0.36
CA HIS A 362 12.09 -6.71 1.72
C HIS A 362 12.14 -7.92 2.64
N GLY A 363 12.93 -7.82 3.70
CA GLY A 363 12.85 -8.81 4.77
C GLY A 363 13.60 -10.08 4.45
N LEU A 364 12.94 -11.22 4.68
CA LEU A 364 13.63 -12.50 4.76
C LEU A 364 14.49 -12.77 3.53
N HIS A 365 13.94 -12.57 2.34
CA HIS A 365 14.65 -12.81 1.08
C HIS A 365 15.23 -11.54 0.48
N HIS A 366 15.47 -10.50 1.29
CA HIS A 366 16.09 -9.29 0.80
C HIS A 366 17.36 -9.66 0.04
N CYS A 367 17.60 -8.92 -1.04
CA CYS A 367 18.58 -9.33 -2.04
C CYS A 367 19.98 -9.54 -1.51
N LEU A 368 20.37 -10.81 -1.39
CA LEU A 368 21.71 -11.22 -0.97
C LEU A 368 22.82 -10.32 -1.53
N GLY A 369 22.80 -10.04 -2.84
CA GLY A 369 23.83 -9.24 -3.46
C GLY A 369 23.60 -7.74 -3.42
N ALA A 370 22.89 -7.25 -2.40
CA ALA A 370 22.62 -5.82 -2.29
C ALA A 370 23.91 -5.01 -2.30
N SER A 371 24.86 -5.37 -1.44
CA SER A 371 26.10 -4.62 -1.30
C SER A 371 26.96 -4.68 -2.56
N LEU A 372 27.11 -5.87 -3.14
CA LEU A 372 27.89 -6.01 -4.37
C LEU A 372 27.32 -5.20 -5.51
N VAL A 373 26.02 -4.88 -5.47
CA VAL A 373 25.43 -4.08 -6.53
C VAL A 373 25.68 -2.61 -6.26
N ARG A 374 25.59 -2.21 -5.00
CA ARG A 374 25.93 -0.86 -4.60
C ARG A 374 27.37 -0.53 -4.99
N VAL A 375 28.32 -1.36 -4.53
CA VAL A 375 29.74 -1.11 -4.81
C VAL A 375 29.98 -1.01 -6.31
N GLN A 376 29.52 -2.00 -7.07
CA GLN A 376 29.67 -1.93 -8.52
C GLN A 376 29.13 -0.64 -9.09
N MET A 377 27.91 -0.27 -8.70
CA MET A 377 27.28 0.90 -9.30
C MET A 377 28.01 2.18 -8.91
N GLU A 378 28.07 2.47 -7.62
CA GLU A 378 28.89 3.54 -7.07
C GLU A 378 30.19 3.75 -7.86
N VAL A 379 31.02 2.71 -7.97
CA VAL A 379 32.32 2.86 -8.62
C VAL A 379 32.17 3.10 -10.11
N ALA A 380 31.20 2.42 -10.74
CA ALA A 380 31.07 2.50 -12.18
C ALA A 380 30.57 3.86 -12.61
N LEU A 381 29.50 4.33 -11.98
CA LEU A 381 29.00 5.68 -12.29
C LEU A 381 30.06 6.72 -11.99
N THR A 382 30.69 6.64 -10.81
CA THR A 382 31.69 7.61 -10.40
C THR A 382 32.81 7.74 -11.43
N MET A 383 33.34 6.61 -11.88
CA MET A 383 34.45 6.67 -12.84
C MET A 383 33.96 7.02 -14.25
N LEU A 384 32.85 6.43 -14.69
CA LEU A 384 32.34 6.74 -16.03
C LEU A 384 32.05 8.23 -16.18
N LEU A 385 31.39 8.83 -15.19
CA LEU A 385 31.10 10.26 -15.25
C LEU A 385 32.33 11.11 -14.97
N GLY A 386 33.30 10.59 -14.23
CA GLY A 386 34.48 11.38 -13.94
C GLY A 386 35.41 11.42 -15.14
N ARG A 387 35.68 10.28 -15.73
CA ARG A 387 36.67 10.24 -16.79
C ARG A 387 36.16 10.82 -18.10
N PHE A 388 34.85 10.98 -18.23
CA PHE A 388 34.19 11.42 -19.46
C PHE A 388 33.21 12.54 -19.10
N PRO A 389 33.71 13.76 -18.87
CA PRO A 389 32.80 14.85 -18.49
C PRO A 389 31.80 15.22 -19.57
N ASP A 390 32.04 14.83 -20.81
CA ASP A 390 31.21 15.19 -21.95
C ASP A 390 30.23 14.09 -22.35
N LEU A 391 30.15 13.02 -21.57
CA LEU A 391 29.41 11.83 -22.00
C LEU A 391 27.97 12.17 -22.35
N ALA A 392 27.58 11.88 -23.58
CA ALA A 392 26.22 12.08 -24.02
C ALA A 392 25.83 10.95 -24.97
N LEU A 393 24.53 10.76 -25.16
CA LEU A 393 24.03 9.71 -26.05
C LEU A 393 24.43 10.00 -27.49
N ALA A 394 24.66 8.92 -28.25
CA ALA A 394 24.98 9.07 -29.67
C ALA A 394 23.78 8.80 -30.56
N ALA A 395 22.57 8.95 -30.05
CA ALA A 395 21.37 8.61 -30.80
C ALA A 395 20.18 9.15 -30.02
N PRO A 396 19.05 9.35 -30.70
CA PRO A 396 17.84 9.81 -30.00
C PRO A 396 17.37 8.75 -29.01
N PRO A 397 17.00 9.15 -27.80
CA PRO A 397 16.60 8.17 -26.78
C PRO A 397 15.53 7.20 -27.25
N ASP A 398 14.60 7.65 -28.10
CA ASP A 398 13.56 6.78 -28.64
C ASP A 398 14.11 5.72 -29.59
N GLU A 399 15.34 5.91 -30.10
CA GLU A 399 15.95 4.96 -31.00
C GLU A 399 16.98 4.06 -30.33
N VAL A 400 17.11 4.14 -29.00
CA VAL A 400 17.83 3.10 -28.26
C VAL A 400 16.93 1.87 -28.16
N PRO A 401 17.41 0.68 -28.51
CA PRO A 401 16.57 -0.53 -28.45
C PRO A 401 16.58 -1.22 -27.09
N TRP A 402 15.40 -1.75 -26.72
CA TRP A 402 15.15 -2.36 -25.42
C TRP A 402 14.77 -3.83 -25.57
N THR A 403 15.18 -4.66 -24.60
CA THR A 403 14.78 -6.06 -24.61
C THR A 403 13.27 -6.14 -24.69
N ARG A 404 12.78 -7.09 -25.50
CA ARG A 404 11.35 -7.33 -25.59
C ARG A 404 11.04 -8.69 -25.00
N GLY A 405 9.95 -8.75 -24.25
CA GLY A 405 9.48 -10.03 -23.74
C GLY A 405 10.38 -10.72 -22.75
N MET A 406 11.04 -9.96 -21.87
CA MET A 406 11.87 -10.54 -20.81
C MET A 406 11.46 -9.98 -19.46
N GLN A 407 11.99 -10.62 -18.42
CA GLN A 407 11.62 -10.33 -17.03
C GLN A 407 12.35 -9.12 -16.47
N ALA A 408 13.55 -8.84 -16.94
CA ALA A 408 14.32 -7.68 -16.53
C ALA A 408 14.48 -6.73 -17.71
N ARG A 409 14.27 -5.44 -17.44
CA ARG A 409 14.24 -4.42 -18.47
C ARG A 409 15.64 -3.87 -18.70
N SER A 410 16.07 -3.79 -19.96
CA SER A 410 17.40 -3.26 -20.24
C SER A 410 17.52 -2.79 -21.67
N PRO A 411 18.20 -1.67 -21.91
CA PRO A 411 18.58 -1.33 -23.28
C PRO A 411 19.51 -2.40 -23.80
N LEU A 412 19.38 -2.72 -25.08
CA LEU A 412 20.29 -3.71 -25.63
C LEU A 412 21.57 -3.09 -26.18
N ARG A 413 21.57 -1.79 -26.38
CA ARG A 413 22.72 -1.06 -26.90
C ARG A 413 22.67 0.36 -26.38
N LEU A 414 23.81 0.90 -25.96
CA LEU A 414 23.89 2.23 -25.35
C LEU A 414 25.00 3.05 -25.97
N PRO A 415 24.81 3.52 -27.20
CA PRO A 415 25.88 4.22 -27.90
C PRO A 415 26.07 5.60 -27.28
N VAL A 416 27.31 5.95 -26.99
CA VAL A 416 27.64 7.22 -26.37
C VAL A 416 28.81 7.87 -27.11
N THR A 417 28.91 9.19 -26.93
CA THR A 417 30.02 9.97 -27.45
C THR A 417 30.47 10.94 -26.37
N TRP A 418 31.69 11.48 -26.55
CA TRP A 418 32.29 12.38 -25.58
C TRP A 418 33.40 13.24 -26.20
N GLY B 23 -31.12 25.96 -18.81
CA GLY B 23 -30.13 24.89 -18.95
C GLY B 23 -30.14 23.87 -17.81
N THR B 24 -29.79 24.32 -16.62
CA THR B 24 -29.76 23.43 -15.47
C THR B 24 -31.18 22.95 -15.16
N PRO B 25 -31.34 21.72 -14.67
CA PRO B 25 -32.68 21.24 -14.30
C PRO B 25 -33.20 21.97 -13.07
N ALA B 26 -34.48 21.74 -12.74
CA ALA B 26 -34.97 22.27 -11.49
C ALA B 26 -34.35 21.46 -10.36
N PRO B 27 -34.03 22.10 -9.23
CA PRO B 27 -33.50 21.36 -8.08
C PRO B 27 -34.58 20.61 -7.32
N VAL B 28 -34.24 19.39 -6.92
CA VAL B 28 -35.05 18.53 -6.06
C VAL B 28 -34.52 18.66 -4.65
N ARG B 29 -35.42 18.79 -3.67
CA ARG B 29 -34.98 18.92 -2.27
C ARG B 29 -34.14 17.72 -1.85
N TYR B 30 -33.04 18.00 -1.14
CA TYR B 30 -32.16 16.93 -0.61
C TYR B 30 -31.84 17.35 0.82
N PRO B 31 -31.92 16.44 1.82
CA PRO B 31 -32.27 15.02 1.80
C PRO B 31 -33.68 14.72 1.30
N PHE B 32 -33.90 13.50 0.83
CA PHE B 32 -35.23 13.10 0.40
C PHE B 32 -36.16 12.94 1.59
N GLY B 33 -35.60 12.59 2.75
CA GLY B 33 -36.34 12.44 3.98
C GLY B 33 -35.34 12.14 5.07
N GLU B 34 -35.83 12.14 6.30
CA GLU B 34 -34.96 11.73 7.39
C GLU B 34 -34.51 10.30 7.15
N ALA B 35 -33.27 10.01 7.54
CA ALA B 35 -32.74 8.66 7.46
C ALA B 35 -33.34 7.86 8.62
N VAL B 36 -34.06 6.80 8.30
CA VAL B 36 -34.74 6.01 9.32
C VAL B 36 -33.94 4.73 9.55
N ARG B 37 -33.61 4.47 10.82
CA ARG B 37 -32.81 3.31 11.20
C ARG B 37 -31.64 3.16 10.23
N LEU B 38 -31.50 1.99 9.61
CA LEU B 38 -30.47 1.74 8.62
C LEU B 38 -31.02 1.65 7.21
N ASP B 39 -32.28 2.04 7.00
CA ASP B 39 -32.91 1.81 5.71
C ASP B 39 -32.49 2.89 4.74
N LEU B 40 -32.41 2.51 3.46
CA LEU B 40 -32.01 3.42 2.40
C LEU B 40 -33.20 3.82 1.53
N HIS B 41 -33.26 5.10 1.20
CA HIS B 41 -34.36 5.66 0.43
C HIS B 41 -34.36 5.08 -0.98
N PRO B 42 -35.54 4.82 -1.55
CA PRO B 42 -35.59 4.19 -2.88
C PRO B 42 -34.93 4.98 -3.99
N THR B 43 -34.79 6.30 -3.85
CA THR B 43 -34.33 7.08 -4.98
C THR B 43 -32.88 6.79 -5.31
N TYR B 44 -32.06 6.45 -4.31
CA TYR B 44 -30.67 6.15 -4.59
C TYR B 44 -30.55 5.01 -5.61
N ALA B 45 -31.29 3.91 -5.40
CA ALA B 45 -31.24 2.77 -6.32
C ALA B 45 -31.73 3.15 -7.70
N GLU B 46 -32.75 4.01 -7.78
CA GLU B 46 -33.23 4.52 -9.06
C GLU B 46 -32.21 5.43 -9.72
N LEU B 47 -31.46 6.23 -8.96
CA LEU B 47 -30.46 7.11 -9.55
C LEU B 47 -29.24 6.34 -10.04
N ARG B 48 -28.84 5.26 -9.37
CA ARG B 48 -27.76 4.42 -9.89
C ARG B 48 -28.21 3.74 -11.18
N GLU B 49 -29.44 3.23 -11.20
CA GLU B 49 -30.05 2.71 -12.41
C GLU B 49 -30.03 3.75 -13.54
N ARG B 50 -30.26 5.02 -13.21
CA ARG B 50 -30.39 6.02 -14.25
C ARG B 50 -29.05 6.49 -14.84
N ARG B 51 -27.94 6.27 -14.14
CA ARG B 51 -26.61 6.72 -14.57
C ARG B 51 -26.57 8.22 -14.83
N THR B 52 -27.38 8.99 -14.09
CA THR B 52 -27.35 10.44 -14.17
C THR B 52 -27.17 11.03 -12.78
N LEU B 53 -26.57 12.20 -12.72
CA LEU B 53 -26.51 12.94 -11.46
C LEU B 53 -27.83 13.64 -11.24
N LEU B 54 -28.10 13.97 -9.99
CA LEU B 54 -29.33 14.66 -9.60
C LEU B 54 -28.98 16.04 -9.06
N ARG B 55 -29.36 17.08 -9.79
CA ARG B 55 -29.29 18.44 -9.27
C ARG B 55 -30.22 18.59 -8.09
N VAL B 56 -29.65 18.95 -6.93
CA VAL B 56 -30.41 19.02 -5.68
C VAL B 56 -30.24 20.39 -5.04
N ARG B 57 -31.14 20.69 -4.12
CA ARG B 57 -31.13 21.90 -3.31
C ARG B 57 -31.14 21.47 -1.86
N VAL B 58 -30.06 21.75 -1.15
CA VAL B 58 -29.80 21.20 0.18
C VAL B 58 -30.22 22.22 1.23
N PRO B 59 -30.23 21.88 2.52
CA PRO B 59 -30.69 22.86 3.51
C PRO B 59 -29.86 24.14 3.54
N HIS B 60 -28.57 24.08 3.21
CA HIS B 60 -27.68 25.21 3.44
C HIS B 60 -26.61 25.23 2.37
N GLY B 61 -26.35 26.40 1.82
CA GLY B 61 -25.30 26.54 0.84
C GLY B 61 -25.80 26.38 -0.59
N ASP B 62 -24.84 26.21 -1.51
CA ASP B 62 -25.19 26.15 -2.91
C ASP B 62 -26.01 24.91 -3.21
N ASP B 63 -26.65 24.93 -4.38
CA ASP B 63 -27.17 23.72 -4.96
C ASP B 63 -26.00 22.80 -5.32
N ALA B 64 -26.32 21.52 -5.51
CA ALA B 64 -25.30 20.51 -5.73
C ALA B 64 -25.81 19.43 -6.67
N TRP B 65 -24.87 18.70 -7.26
CA TRP B 65 -25.18 17.45 -7.96
C TRP B 65 -25.00 16.32 -6.97
N LEU B 66 -25.97 15.41 -6.92
CA LEU B 66 -25.85 14.22 -6.08
C LEU B 66 -25.19 13.12 -6.90
N VAL B 67 -24.21 12.44 -6.32
CA VAL B 67 -23.50 11.33 -6.98
C VAL B 67 -23.76 10.08 -6.16
N THR B 68 -24.19 9.01 -6.83
CA THR B 68 -24.72 7.83 -6.17
C THR B 68 -24.12 6.52 -6.66
N ARG B 69 -23.55 6.47 -7.86
CA ARG B 69 -22.90 5.26 -8.36
C ARG B 69 -21.50 5.11 -7.78
N HIS B 70 -21.12 3.86 -7.54
CA HIS B 70 -19.84 3.55 -6.93
C HIS B 70 -18.67 4.06 -7.75
N GLU B 71 -18.74 3.96 -9.09
CA GLU B 71 -17.64 4.42 -9.92
C GLU B 71 -17.62 5.94 -10.01
N ASP B 72 -18.76 6.57 -9.83
CA ASP B 72 -18.87 8.02 -9.89
C ASP B 72 -18.56 8.65 -8.54
N VAL B 73 -18.94 8.01 -7.44
CA VAL B 73 -18.50 8.52 -6.15
C VAL B 73 -16.98 8.34 -6.02
N ARG B 74 -16.42 7.30 -6.62
CA ARG B 74 -14.96 7.17 -6.64
C ARG B 74 -14.32 8.37 -7.32
N THR B 75 -14.79 8.72 -8.51
CA THR B 75 -14.28 9.86 -9.24
C THR B 75 -14.32 11.14 -8.40
N VAL B 76 -15.51 11.55 -7.94
CA VAL B 76 -15.61 12.80 -7.19
C VAL B 76 -14.77 12.75 -5.92
N LEU B 77 -14.60 11.57 -5.33
CA LEU B 77 -13.90 11.50 -4.06
C LEU B 77 -12.42 11.82 -4.23
N THR B 78 -11.82 11.37 -5.33
CA THR B 78 -10.37 11.43 -5.43
C THR B 78 -9.81 12.08 -6.70
N ASP B 79 -10.61 12.30 -7.74
CA ASP B 79 -10.09 12.91 -8.96
C ASP B 79 -9.55 14.32 -8.67
N PRO B 80 -8.40 14.68 -9.25
CA PRO B 80 -7.77 15.95 -8.85
C PRO B 80 -8.55 17.18 -9.27
N ARG B 81 -9.48 17.05 -10.22
CA ARG B 81 -10.34 18.13 -10.68
C ARG B 81 -11.48 18.46 -9.72
N PHE B 82 -11.61 17.74 -8.60
CA PHE B 82 -12.59 18.05 -7.56
C PHE B 82 -11.85 18.40 -6.28
N SER B 83 -12.08 19.62 -5.78
CA SER B 83 -11.30 20.18 -4.69
C SER B 83 -12.11 20.23 -3.41
N ARG B 84 -11.46 19.91 -2.29
CA ARG B 84 -12.01 20.25 -0.98
C ARG B 84 -11.64 21.69 -0.60
N ALA B 85 -10.41 22.12 -0.88
CA ALA B 85 -10.00 23.48 -0.56
C ALA B 85 -10.99 24.50 -1.14
N ALA B 86 -11.37 24.33 -2.42
CA ALA B 86 -12.22 25.29 -3.11
C ALA B 86 -13.53 25.52 -2.38
N ALA B 87 -14.02 24.51 -1.65
CA ALA B 87 -15.24 24.69 -0.87
C ALA B 87 -15.10 25.78 0.17
N ALA B 88 -13.87 26.19 0.51
CA ALA B 88 -13.62 27.10 1.62
C ALA B 88 -13.95 28.55 1.28
N GLY B 89 -13.76 28.94 0.02
CA GLY B 89 -14.28 30.23 -0.37
C GLY B 89 -15.74 30.30 -0.77
N ARG B 90 -16.58 29.29 -0.45
CA ARG B 90 -17.96 29.28 -0.93
C ARG B 90 -18.93 29.09 0.23
N ASP B 91 -20.20 29.42 -0.03
CA ASP B 91 -21.25 29.04 0.91
C ASP B 91 -21.48 27.54 0.71
N GLU B 92 -20.65 26.75 1.38
CA GLU B 92 -20.55 25.33 1.10
C GLU B 92 -21.91 24.66 1.10
N ALA B 93 -22.26 24.06 -0.03
CA ALA B 93 -23.39 23.12 -0.06
C ALA B 93 -23.24 22.09 1.05
N ARG B 94 -24.22 22.04 1.94
CA ARG B 94 -24.08 21.21 3.13
C ARG B 94 -25.48 20.96 3.70
N LEU B 95 -25.51 20.15 4.75
CA LEU B 95 -26.73 19.91 5.52
C LEU B 95 -26.68 20.53 6.90
N THR B 96 -25.50 20.98 7.36
CA THR B 96 -25.35 21.55 8.69
C THR B 96 -25.45 23.08 8.63
N PRO B 97 -26.09 23.70 9.63
CA PRO B 97 -26.33 25.15 9.56
C PRO B 97 -25.07 25.99 9.40
N LEU B 98 -23.92 25.49 9.89
CA LEU B 98 -22.65 26.20 9.85
C LEU B 98 -21.62 25.36 9.11
N VAL B 99 -20.77 26.04 8.34
CA VAL B 99 -19.65 25.40 7.66
C VAL B 99 -18.68 24.88 8.71
N ILE B 100 -18.37 23.56 8.64
CA ILE B 100 -17.53 22.88 9.63
C ILE B 100 -16.06 22.96 9.20
N ARG B 101 -15.17 23.16 10.17
CA ARG B 101 -13.73 23.15 9.94
C ARG B 101 -13.24 21.71 10.01
N THR B 102 -12.73 21.19 8.89
CA THR B 102 -12.44 19.78 8.71
C THR B 102 -10.95 19.48 8.59
N SER B 103 -10.09 20.47 8.81
CA SER B 103 -8.64 20.28 8.94
C SER B 103 -8.10 19.60 7.68
N VAL B 104 -7.32 18.53 7.79
CA VAL B 104 -6.76 17.84 6.63
C VAL B 104 -7.85 17.44 5.64
N MET B 105 -9.07 17.18 6.12
CA MET B 105 -10.18 16.79 5.25
C MET B 105 -10.75 17.96 4.48
N GLY B 106 -10.35 19.19 4.81
CA GLY B 106 -10.86 20.33 4.09
C GLY B 106 -9.82 21.09 3.29
N VAL B 107 -8.67 20.46 3.03
CA VAL B 107 -7.61 21.06 2.24
C VAL B 107 -7.19 20.06 1.16
N ASP B 108 -6.47 20.58 0.17
CA ASP B 108 -5.90 19.81 -0.94
C ASP B 108 -4.39 19.79 -0.81
N PRO B 109 -3.68 19.00 -1.65
CA PRO B 109 -2.23 19.10 -1.67
C PRO B 109 -1.81 20.47 -2.18
N PRO B 110 -0.68 21.02 -1.69
CA PRO B 110 0.32 20.47 -0.76
C PRO B 110 -0.05 20.58 0.70
N ASP B 111 -1.03 21.41 1.04
CA ASP B 111 -1.42 21.58 2.44
C ASP B 111 -1.81 20.25 3.05
N HIS B 112 -2.49 19.41 2.27
CA HIS B 112 -3.03 18.16 2.80
C HIS B 112 -1.94 17.16 3.10
N THR B 113 -0.89 17.17 2.30
CA THR B 113 0.24 16.27 2.53
C THR B 113 1.03 16.67 3.76
N ARG B 114 1.33 17.97 3.90
CA ARG B 114 2.07 18.49 5.05
C ARG B 114 1.43 18.11 6.37
N LEU B 115 0.10 18.20 6.45
CA LEU B 115 -0.60 17.96 7.70
C LEU B 115 -0.85 16.48 7.93
N ARG B 116 -1.15 15.74 6.87
CA ARG B 116 -1.41 14.32 7.03
C ARG B 116 -0.15 13.58 7.45
N ARG B 117 1.00 13.99 6.93
CA ARG B 117 2.24 13.26 7.20
C ARG B 117 2.76 13.44 8.63
N LEU B 118 2.06 14.22 9.46
CA LEU B 118 2.34 14.39 10.89
C LEU B 118 1.64 13.36 11.77
N VAL B 119 0.61 12.69 11.25
CA VAL B 119 -0.11 11.69 12.02
C VAL B 119 -0.25 10.39 11.25
N ALA B 120 0.32 10.32 10.04
CA ALA B 120 0.19 9.13 9.19
C ALA B 120 0.73 7.88 9.89
N THR B 121 1.87 8.00 10.57
CA THR B 121 2.56 6.82 11.11
C THR B 121 1.88 6.29 12.36
N ALA B 122 1.40 7.16 13.23
CA ALA B 122 0.66 6.67 14.39
C ALA B 122 -0.54 5.87 13.95
N PHE B 123 -1.16 6.23 12.84
CA PHE B 123 -2.45 5.66 12.46
C PHE B 123 -2.33 4.48 11.50
N SER B 124 -1.13 4.18 11.01
CA SER B 124 -0.94 3.11 10.05
C SER B 124 -1.29 1.76 10.63
N ARG B 125 -1.46 0.78 9.75
CA ARG B 125 -1.77 -0.56 10.20
C ARG B 125 -0.68 -1.09 11.13
N ARG B 126 0.59 -0.81 10.83
CA ARG B 126 1.63 -1.30 11.73
C ARG B 126 1.59 -0.55 13.05
N GLY B 127 1.44 0.79 13.02
CA GLY B 127 1.41 1.56 14.26
C GLY B 127 0.23 1.22 15.13
N VAL B 128 -0.92 0.90 14.52
CA VAL B 128 -2.11 0.57 15.28
C VAL B 128 -1.97 -0.82 15.93
N GLU B 129 -1.35 -1.77 15.21
CA GLU B 129 -1.20 -3.13 15.73
C GLU B 129 -0.53 -3.19 17.11
N HIS B 130 0.21 -2.16 17.49
CA HIS B 130 0.80 -2.10 18.81
C HIS B 130 -0.17 -1.57 19.85
N LEU B 131 -1.34 -1.11 19.42
CA LEU B 131 -2.41 -0.83 20.35
C LEU B 131 -3.30 -2.05 20.56
N ARG B 132 -3.13 -3.09 19.75
CA ARG B 132 -3.94 -4.30 19.91
C ARG B 132 -3.88 -4.87 21.32
N PRO B 133 -2.70 -5.02 21.96
CA PRO B 133 -2.70 -5.49 23.36
C PRO B 133 -3.47 -4.60 24.29
N GLY B 134 -3.42 -3.28 24.09
CA GLY B 134 -4.19 -2.37 24.92
C GLY B 134 -5.68 -2.47 24.70
N ILE B 135 -6.11 -2.37 23.43
CA ILE B 135 -7.53 -2.48 23.08
C ILE B 135 -8.10 -3.80 23.59
N THR B 136 -7.32 -4.88 23.47
CA THR B 136 -7.78 -6.20 23.85
C THR B 136 -8.01 -6.28 25.35
N ALA B 137 -7.10 -5.69 26.13
CA ALA B 137 -7.26 -5.74 27.58
C ALA B 137 -8.42 -4.89 28.05
N LEU B 138 -8.72 -3.79 27.33
CA LEU B 138 -9.88 -2.96 27.68
C LEU B 138 -11.20 -3.67 27.36
N VAL B 139 -11.33 -4.23 26.14
CA VAL B 139 -12.50 -5.04 25.80
C VAL B 139 -12.68 -6.17 26.80
N ARG B 140 -11.57 -6.80 27.21
CA ARG B 140 -11.64 -7.79 28.28
C ARG B 140 -12.14 -7.16 29.57
N ARG B 141 -11.73 -5.93 29.87
CA ARG B 141 -12.17 -5.25 31.09
C ARG B 141 -13.64 -4.86 31.01
N LEU B 142 -14.12 -4.50 29.82
CA LEU B 142 -15.52 -4.14 29.68
C LEU B 142 -16.43 -5.37 29.75
N THR B 143 -16.00 -6.50 29.18
CA THR B 143 -16.83 -7.70 29.22
C THR B 143 -16.80 -8.39 30.59
N ASP B 144 -15.67 -8.35 31.30
CA ASP B 144 -15.68 -8.82 32.69
C ASP B 144 -16.62 -7.98 33.52
N ASP B 145 -16.60 -6.66 33.33
CA ASP B 145 -17.53 -5.83 34.08
C ASP B 145 -18.98 -6.19 33.75
N MET B 146 -19.28 -6.40 32.47
CA MET B 146 -20.65 -6.73 32.11
C MET B 146 -21.09 -7.99 32.83
N VAL B 147 -20.27 -9.05 32.78
CA VAL B 147 -20.60 -10.28 33.50
C VAL B 147 -20.76 -10.00 35.00
N GLY B 148 -19.96 -9.10 35.57
CA GLY B 148 -20.11 -8.79 36.97
C GLY B 148 -21.38 -8.02 37.27
N GLN B 149 -21.78 -7.14 36.35
CA GLN B 149 -23.06 -6.43 36.48
C GLN B 149 -24.23 -7.39 36.52
N GLY B 150 -24.26 -8.35 35.59
CA GLY B 150 -25.44 -9.14 35.34
C GLY B 150 -26.35 -8.42 34.38
N PRO B 151 -27.11 -9.17 33.58
CA PRO B 151 -27.98 -8.55 32.57
C PRO B 151 -29.24 -8.02 33.20
N PRO B 152 -30.08 -7.24 32.47
CA PRO B 152 -29.90 -6.67 31.14
C PRO B 152 -29.17 -5.34 31.19
N VAL B 153 -28.47 -5.00 30.11
CA VAL B 153 -27.53 -3.88 30.13
C VAL B 153 -27.63 -3.14 28.80
N ASP B 154 -27.45 -1.83 28.85
CA ASP B 154 -27.33 -1.05 27.63
C ASP B 154 -25.96 -1.32 27.02
N LEU B 155 -25.90 -1.96 25.86
CA LEU B 155 -24.60 -2.26 25.28
C LEU B 155 -23.91 -1.03 24.71
N VAL B 156 -24.65 0.06 24.49
CA VAL B 156 -24.05 1.30 24.03
C VAL B 156 -23.33 2.02 25.16
N ARG B 157 -23.98 2.14 26.31
CA ARG B 157 -23.38 2.83 27.45
C ARG B 157 -22.25 2.00 28.06
N SER B 158 -22.45 0.68 28.16
CA SER B 158 -21.53 -0.19 28.88
C SER B 158 -20.40 -0.71 28.01
N PHE B 159 -20.49 -0.59 26.69
CA PHE B 159 -19.50 -1.26 25.86
C PHE B 159 -19.09 -0.45 24.64
N VAL B 160 -20.05 0.02 23.85
CA VAL B 160 -19.69 0.75 22.62
C VAL B 160 -19.01 2.07 22.98
N THR B 161 -19.71 2.92 23.76
CA THR B 161 -19.19 4.24 24.11
C THR B 161 -17.82 4.18 24.78
N PRO B 162 -17.63 3.49 25.90
CA PRO B 162 -16.33 3.57 26.59
C PRO B 162 -15.18 3.05 25.75
N LEU B 163 -15.39 1.99 24.98
CA LEU B 163 -14.37 1.47 24.08
C LEU B 163 -13.84 2.55 23.15
N SER B 164 -14.66 3.01 22.21
CA SER B 164 -14.21 4.04 21.28
C SER B 164 -13.68 5.26 22.01
N GLY B 165 -14.37 5.69 23.06
CA GLY B 165 -13.96 6.88 23.79
C GLY B 165 -12.58 6.75 24.39
N LEU B 166 -12.36 5.71 25.18
CA LEU B 166 -11.06 5.55 25.83
C LEU B 166 -9.94 5.37 24.83
N VAL B 167 -10.23 4.69 23.72
CA VAL B 167 -9.19 4.38 22.76
C VAL B 167 -8.71 5.65 22.08
N ILE B 168 -9.65 6.49 21.62
CA ILE B 168 -9.27 7.74 20.95
C ILE B 168 -8.67 8.72 21.95
N CYS B 169 -9.13 8.69 23.21
CA CYS B 169 -8.66 9.66 24.20
C CYS B 169 -7.26 9.32 24.70
N ASP B 170 -6.98 8.03 24.94
CA ASP B 170 -5.64 7.60 25.31
C ASP B 170 -4.63 7.90 24.21
N LEU B 171 -5.02 7.70 22.95
CA LEU B 171 -4.09 7.95 21.84
C LEU B 171 -3.82 9.45 21.68
N LEU B 172 -4.87 10.27 21.73
CA LEU B 172 -4.69 11.70 21.48
C LEU B 172 -4.09 12.43 22.68
N GLY B 173 -4.56 12.14 23.87
CA GLY B 173 -4.18 12.89 25.03
C GLY B 173 -5.32 13.59 25.72
N VAL B 174 -6.54 13.51 25.18
CA VAL B 174 -7.71 14.13 25.83
C VAL B 174 -8.07 13.33 27.07
N PRO B 175 -8.48 13.97 28.17
CA PRO B 175 -8.86 13.20 29.37
C PRO B 175 -10.27 12.65 29.28
N TYR B 176 -10.39 11.33 29.10
CA TYR B 176 -11.71 10.71 28.98
C TYR B 176 -12.62 11.05 30.15
N ALA B 177 -12.05 11.40 31.31
CA ALA B 177 -12.86 11.90 32.40
C ALA B 177 -13.56 13.20 32.03
N ASP B 178 -12.98 13.97 31.12
CA ASP B 178 -13.56 15.23 30.67
C ASP B 178 -14.73 15.05 29.72
N ARG B 179 -15.11 13.81 29.37
CA ARG B 179 -16.32 13.59 28.59
C ARG B 179 -17.57 14.13 29.28
N SER B 180 -17.48 14.45 30.58
CA SER B 180 -18.62 15.02 31.27
C SER B 180 -19.05 16.34 30.63
N ARG B 181 -18.10 17.12 30.11
CA ARG B 181 -18.36 18.46 29.60
C ARG B 181 -18.18 18.63 28.11
N PHE B 182 -17.37 17.81 27.44
CA PHE B 182 -17.26 17.94 26.00
C PHE B 182 -18.16 16.98 25.24
N ARG B 183 -18.87 16.07 25.94
CA ARG B 183 -19.86 15.23 25.28
C ARG B 183 -20.97 16.08 24.67
N HIS B 184 -21.43 17.09 25.40
CA HIS B 184 -22.30 18.12 24.84
C HIS B 184 -21.77 18.63 23.50
N TRP B 185 -20.50 19.02 23.47
CA TRP B 185 -20.00 19.84 22.37
C TRP B 185 -19.77 19.05 21.09
N LEU B 186 -19.34 17.79 21.20
CA LEU B 186 -18.95 17.07 20.01
C LEU B 186 -20.13 16.83 19.08
N GLU B 187 -21.33 16.76 19.62
CA GLU B 187 -22.50 16.44 18.80
C GLU B 187 -22.99 17.61 17.96
N ALA B 188 -22.79 18.85 18.41
CA ALA B 188 -23.10 20.00 17.55
C ALA B 188 -22.40 19.90 16.19
N PHE B 189 -21.28 19.19 16.12
CA PHE B 189 -20.57 19.02 14.86
C PHE B 189 -21.30 18.09 13.89
N PHE B 190 -22.22 17.26 14.40
CA PHE B 190 -22.96 16.28 13.61
C PHE B 190 -24.39 16.69 13.36
N SER B 191 -24.81 17.85 13.87
CA SER B 191 -26.22 18.24 13.95
C SER B 191 -26.69 18.83 12.62
N ILE B 192 -27.87 18.39 12.17
CA ILE B 192 -28.53 18.88 10.97
C ILE B 192 -29.79 19.62 11.39
N THR B 193 -30.73 18.91 11.99
CA THR B 193 -31.96 19.49 12.50
C THR B 193 -32.05 19.42 14.01
N ALA B 194 -31.13 18.73 14.67
CA ALA B 194 -31.24 18.54 16.11
C ALA B 194 -31.21 19.88 16.84
N LEU B 195 -30.21 20.72 16.55
CA LEU B 195 -29.95 21.91 17.33
C LEU B 195 -30.07 23.17 16.49
N PRO B 196 -30.54 24.27 17.09
CA PRO B 196 -30.58 25.54 16.37
C PRO B 196 -29.18 25.99 16.00
N ALA B 197 -29.10 26.97 15.08
CA ALA B 197 -27.78 27.42 14.68
C ALA B 197 -27.05 28.17 15.78
N ASP B 198 -27.78 28.75 16.74
CA ASP B 198 -27.15 29.45 17.86
C ASP B 198 -26.47 28.49 18.82
N GLU B 199 -27.21 27.50 19.34
CA GLU B 199 -26.59 26.50 20.20
C GLU B 199 -25.48 25.76 19.48
N VAL B 200 -25.63 25.54 18.17
CA VAL B 200 -24.59 24.87 17.39
C VAL B 200 -23.31 25.71 17.38
N ALA B 201 -23.45 27.02 17.17
CA ALA B 201 -22.27 27.87 17.16
C ALA B 201 -21.63 27.95 18.55
N VAL B 202 -22.45 28.25 19.56
CA VAL B 202 -21.97 28.33 20.95
C VAL B 202 -21.19 27.08 21.31
N ARG B 203 -21.81 25.90 21.08
CA ARG B 203 -21.18 24.63 21.42
C ARG B 203 -19.87 24.44 20.69
N ILE B 204 -19.77 24.90 19.44
CA ILE B 204 -18.54 24.70 18.69
C ILE B 204 -17.39 25.51 19.29
N GLU B 205 -17.67 26.74 19.73
CA GLU B 205 -16.63 27.58 20.33
C GLU B 205 -16.21 27.08 21.72
N ALA B 206 -17.13 26.48 22.47
CA ALA B 206 -16.76 25.80 23.70
C ALA B 206 -15.78 24.68 23.41
N MET B 207 -16.05 23.89 22.37
CA MET B 207 -15.12 22.84 21.95
C MET B 207 -13.76 23.43 21.61
N TYR B 208 -13.73 24.42 20.72
CA TYR B 208 -12.45 24.99 20.27
C TYR B 208 -11.71 25.64 21.43
N GLY B 209 -12.42 26.12 22.45
CA GLY B 209 -11.73 26.58 23.64
C GLY B 209 -11.08 25.44 24.40
N TYR B 210 -11.88 24.41 24.71
CA TYR B 210 -11.40 23.26 25.47
C TYR B 210 -10.16 22.64 24.84
N ILE B 211 -10.12 22.55 23.52
CA ILE B 211 -8.97 21.95 22.86
C ILE B 211 -7.79 22.91 22.88
N ALA B 212 -8.06 24.21 22.77
CA ALA B 212 -7.00 25.18 22.97
C ALA B 212 -6.43 25.07 24.38
N GLU B 213 -7.30 24.95 25.39
CA GLU B 213 -6.87 24.63 26.75
C GLU B 213 -5.93 23.44 26.78
N LEU B 214 -6.34 22.34 26.13
CA LEU B 214 -5.51 21.13 26.14
C LEU B 214 -4.20 21.36 25.41
N VAL B 215 -4.23 22.13 24.32
CA VAL B 215 -3.02 22.42 23.55
C VAL B 215 -2.06 23.29 24.36
N ALA B 216 -2.58 24.24 25.14
CA ALA B 216 -1.74 25.07 25.99
C ALA B 216 -1.00 24.26 27.04
N LEU B 217 -1.73 23.36 27.75
CA LEU B 217 -1.12 22.48 28.72
C LEU B 217 0.16 21.85 28.20
N ARG B 218 0.22 21.55 26.90
CA ARG B 218 1.35 20.80 26.36
C ARG B 218 2.54 21.68 26.03
N ARG B 219 2.34 22.99 25.82
CA ARG B 219 3.50 23.85 25.64
C ARG B 219 4.27 23.99 26.95
N ALA B 220 3.54 24.10 28.07
CA ALA B 220 4.10 24.01 29.41
C ALA B 220 5.02 22.80 29.54
N GLU B 221 4.47 21.66 29.97
CA GLU B 221 5.06 20.34 29.83
C GLU B 221 4.64 19.71 28.51
N PRO B 222 5.55 19.03 27.80
CA PRO B 222 5.09 18.18 26.70
C PRO B 222 4.74 16.78 27.19
N THR B 223 3.81 16.13 26.47
CA THR B 223 3.23 14.86 26.88
C THR B 223 3.63 13.78 25.87
N GLU B 224 3.48 12.53 26.31
CA GLU B 224 3.84 11.37 25.49
C GLU B 224 2.59 10.80 24.82
N ASP B 225 2.00 11.61 23.95
CA ASP B 225 0.78 11.24 23.23
C ASP B 225 0.73 12.03 21.94
N LEU B 226 -0.26 11.69 21.11
CA LEU B 226 -0.33 12.25 19.76
C LEU B 226 -0.43 13.77 19.79
N LEU B 227 -1.32 14.32 20.63
CA LEU B 227 -1.56 15.77 20.64
C LEU B 227 -0.38 16.56 21.19
N GLY B 228 0.34 16.02 22.17
CA GLY B 228 1.59 16.65 22.57
C GLY B 228 2.60 16.65 21.44
N GLY B 229 2.64 15.56 20.67
CA GLY B 229 3.60 15.45 19.59
C GLY B 229 3.26 16.34 18.43
N LEU B 230 1.97 16.60 18.22
CA LEU B 230 1.56 17.66 17.30
C LEU B 230 2.05 19.02 17.80
N VAL B 231 1.92 19.25 19.12
CA VAL B 231 2.32 20.52 19.71
C VAL B 231 3.83 20.73 19.60
N ARG B 232 4.61 19.64 19.68
CA ARG B 232 6.02 19.76 19.38
C ARG B 232 6.25 20.12 17.90
N ALA B 233 5.47 19.52 17.00
CA ALA B 233 5.68 19.76 15.57
C ALA B 233 5.32 21.18 15.17
N ARG B 234 4.25 21.72 15.75
CA ARG B 234 3.96 23.14 15.54
C ARG B 234 5.07 24.01 16.13
N ASP B 235 5.46 23.74 17.37
CA ASP B 235 6.30 24.65 18.15
C ASP B 235 7.77 24.63 17.74
N ARG B 236 8.26 23.55 17.15
CA ARG B 236 9.68 23.51 16.80
C ARG B 236 9.96 23.12 15.36
N ASP B 237 8.97 22.67 14.60
CA ASP B 237 9.15 22.48 13.16
C ASP B 237 8.38 23.50 12.33
N GLY B 238 7.47 24.25 12.95
CA GLY B 238 6.66 25.19 12.19
C GLY B 238 5.90 24.56 11.05
N SER B 239 5.41 23.34 11.25
CA SER B 239 4.79 22.60 10.16
C SER B 239 3.29 22.89 10.02
N CYS B 240 2.67 23.46 11.04
CA CYS B 240 1.27 23.84 10.92
C CYS B 240 1.02 25.07 11.79
N SER B 241 -0.08 25.75 11.51
CA SER B 241 -0.45 26.93 12.26
C SER B 241 -1.24 26.55 13.51
N GLU B 242 -1.39 27.52 14.40
CA GLU B 242 -2.12 27.29 15.65
C GLU B 242 -3.56 26.88 15.39
N GLU B 243 -4.23 27.52 14.42
CA GLU B 243 -5.57 27.10 14.03
C GLU B 243 -5.53 25.67 13.49
N GLU B 244 -4.61 25.38 12.56
CA GLU B 244 -4.56 24.07 11.93
C GLU B 244 -4.35 22.97 12.96
N LEU B 245 -3.47 23.21 13.94
CA LEU B 245 -3.21 22.21 14.97
C LEU B 245 -4.43 21.97 15.84
N VAL B 246 -5.21 23.03 16.11
CA VAL B 246 -6.43 22.88 16.90
C VAL B 246 -7.49 22.12 16.12
N ASP B 247 -7.61 22.39 14.81
CA ASP B 247 -8.57 21.69 13.95
C ASP B 247 -8.26 20.20 13.83
N LEU B 248 -6.99 19.89 13.53
CA LEU B 248 -6.58 18.48 13.49
C LEU B 248 -6.89 17.79 14.80
N ALA B 249 -6.54 18.42 15.92
CA ALA B 249 -6.78 17.78 17.20
C ALA B 249 -8.27 17.63 17.49
N ASN B 250 -9.11 18.42 16.83
CA ASN B 250 -10.56 18.37 17.02
C ASN B 250 -11.21 17.31 16.15
N VAL B 251 -10.84 17.23 14.86
CA VAL B 251 -11.42 16.22 13.99
C VAL B 251 -10.94 14.83 14.36
N LEU B 252 -9.82 14.71 15.09
CA LEU B 252 -9.40 13.42 15.61
C LEU B 252 -10.25 12.96 16.79
N LEU B 253 -10.67 13.88 17.67
CA LEU B 253 -11.56 13.50 18.75
C LEU B 253 -12.99 13.30 18.26
N LEU B 254 -13.45 14.15 17.35
CA LEU B 254 -14.75 13.93 16.70
C LEU B 254 -14.85 12.51 16.18
N ALA B 255 -13.91 12.15 15.29
CA ALA B 255 -13.97 10.90 14.54
C ALA B 255 -13.85 9.66 15.43
N GLY B 256 -12.95 9.68 16.41
CA GLY B 256 -12.69 8.50 17.20
C GLY B 256 -13.63 8.28 18.38
N TYR B 257 -14.23 9.35 18.90
CA TYR B 257 -15.17 9.25 20.01
C TYR B 257 -16.59 8.97 19.54
N HIS B 258 -17.00 9.57 18.43
CA HIS B 258 -18.40 9.54 18.04
C HIS B 258 -18.65 8.76 16.76
N THR B 259 -17.84 8.93 15.74
CA THR B 259 -18.14 8.23 14.50
C THR B 259 -17.88 6.74 14.61
N THR B 260 -16.85 6.33 15.37
CA THR B 260 -16.63 4.91 15.59
C THR B 260 -17.69 4.30 16.48
N ALA B 261 -18.10 5.00 17.54
CA ALA B 261 -19.15 4.46 18.40
C ALA B 261 -20.46 4.25 17.63
N SER B 262 -20.81 5.21 16.76
CA SER B 262 -21.99 5.05 15.92
C SER B 262 -21.88 3.84 15.00
N GLN B 263 -20.72 3.66 14.34
CA GLN B 263 -20.55 2.51 13.47
C GLN B 263 -20.55 1.19 14.22
N LEU B 264 -20.03 1.17 15.45
CA LEU B 264 -20.01 -0.10 16.18
C LEU B 264 -21.38 -0.39 16.78
N ALA B 265 -22.08 0.64 17.27
CA ALA B 265 -23.40 0.41 17.85
C ALA B 265 -24.41 0.01 16.78
N SER B 266 -24.27 0.51 15.55
CA SER B 266 -25.15 0.06 14.48
C SER B 266 -24.81 -1.36 14.03
N SER B 267 -23.52 -1.71 13.95
CA SER B 267 -23.14 -3.08 13.64
C SER B 267 -23.69 -4.05 14.68
N LEU B 268 -23.71 -3.66 15.95
CA LEU B 268 -24.25 -4.54 16.96
C LEU B 268 -25.78 -4.66 16.84
N PHE B 269 -26.45 -3.63 16.33
CA PHE B 269 -27.87 -3.74 16.01
C PHE B 269 -28.11 -4.85 15.00
N VAL B 270 -27.41 -4.79 13.86
CA VAL B 270 -27.55 -5.75 12.77
C VAL B 270 -27.32 -7.18 13.24
N LEU B 271 -26.28 -7.41 14.04
CA LEU B 271 -25.98 -8.77 14.48
C LEU B 271 -26.97 -9.24 15.52
N LEU B 272 -27.53 -8.32 16.32
CA LEU B 272 -28.54 -8.71 17.29
C LEU B 272 -29.91 -8.91 16.66
N THR B 273 -30.16 -8.31 15.49
CA THR B 273 -31.41 -8.49 14.76
C THR B 273 -31.27 -9.38 13.53
N GLN B 274 -30.07 -9.91 13.26
CA GLN B 274 -29.85 -10.94 12.25
C GLN B 274 -29.05 -12.07 12.87
N PRO B 275 -29.63 -12.76 13.85
CA PRO B 275 -28.80 -13.56 14.77
C PRO B 275 -28.08 -14.72 14.10
N GLU B 276 -28.55 -15.21 12.96
CA GLU B 276 -27.82 -16.29 12.30
C GLU B 276 -26.46 -15.82 11.81
N HIS B 277 -26.30 -14.52 11.56
CA HIS B 277 -25.02 -13.97 11.14
C HIS B 277 -24.09 -13.74 12.32
N ALA B 278 -24.64 -13.23 13.43
CA ALA B 278 -23.89 -13.19 14.68
C ALA B 278 -23.34 -14.58 15.02
N GLU B 279 -24.20 -15.60 14.90
CA GLU B 279 -23.78 -16.95 15.27
C GLU B 279 -22.75 -17.51 14.30
N LEU B 280 -22.91 -17.22 13.01
CA LEU B 280 -21.93 -17.69 12.03
C LEU B 280 -20.55 -17.12 12.32
N LEU B 281 -20.48 -15.83 12.61
CA LEU B 281 -19.22 -15.21 13.01
C LEU B 281 -18.75 -15.75 14.34
N ARG B 282 -19.69 -16.10 15.24
CA ARG B 282 -19.35 -16.65 16.55
C ARG B 282 -18.61 -17.98 16.41
N SER B 283 -19.04 -18.84 15.49
CA SER B 283 -18.42 -20.15 15.37
C SER B 283 -17.17 -20.13 14.50
N ARG B 284 -17.01 -19.13 13.64
CA ARG B 284 -15.88 -19.01 12.72
C ARG B 284 -15.18 -17.68 12.96
N PRO B 285 -14.38 -17.57 14.02
CA PRO B 285 -13.74 -16.26 14.33
C PRO B 285 -12.73 -15.82 13.29
N GLU B 286 -12.22 -16.73 12.47
CA GLU B 286 -11.38 -16.39 11.33
C GLU B 286 -12.12 -15.59 10.27
N LEU B 287 -13.44 -15.43 10.43
CA LEU B 287 -14.26 -14.60 9.55
C LEU B 287 -14.26 -13.13 9.96
N ALA B 288 -13.58 -12.77 11.04
CA ALA B 288 -13.69 -11.42 11.58
C ALA B 288 -13.21 -10.34 10.62
N PRO B 289 -12.03 -10.43 10.00
CA PRO B 289 -11.63 -9.35 9.08
C PRO B 289 -12.59 -9.15 7.91
N ARG B 290 -13.17 -10.21 7.35
CA ARG B 290 -14.17 -10.00 6.30
C ARG B 290 -15.49 -9.48 6.88
N ALA B 291 -15.84 -9.93 8.08
CA ALA B 291 -17.10 -9.51 8.69
C ALA B 291 -17.05 -8.05 9.08
N VAL B 292 -15.89 -7.54 9.47
CA VAL B 292 -15.77 -6.13 9.86
C VAL B 292 -15.95 -5.23 8.66
N GLU B 293 -15.35 -5.61 7.53
CA GLU B 293 -15.47 -4.85 6.29
C GLU B 293 -16.88 -4.89 5.74
N GLU B 294 -17.57 -6.01 5.92
CA GLU B 294 -18.92 -6.18 5.40
C GLU B 294 -19.92 -5.36 6.20
N LEU B 295 -19.69 -5.24 7.51
CA LEU B 295 -20.55 -4.39 8.33
C LEU B 295 -20.32 -2.93 7.98
N LEU B 296 -19.06 -2.56 7.73
CA LEU B 296 -18.76 -1.21 7.25
C LEU B 296 -19.51 -0.91 5.97
N ARG B 297 -19.45 -1.83 5.00
CA ARG B 297 -20.09 -1.61 3.71
C ARG B 297 -21.61 -1.55 3.84
N TYR B 298 -22.19 -2.50 4.57
CA TYR B 298 -23.63 -2.65 4.64
C TYR B 298 -24.30 -1.66 5.61
N VAL B 299 -23.64 -1.29 6.69
CA VAL B 299 -24.20 -0.34 7.64
C VAL B 299 -24.05 1.06 7.08
N PRO B 300 -25.11 1.74 6.65
CA PRO B 300 -24.95 3.12 6.18
C PRO B 300 -24.69 4.02 7.35
N LEU B 301 -23.42 4.30 7.67
CA LEU B 301 -23.13 5.13 8.83
C LEU B 301 -23.45 6.59 8.55
N ILE B 302 -23.09 7.07 7.36
CA ILE B 302 -23.40 8.41 6.93
C ILE B 302 -24.90 8.54 6.75
N ALA B 303 -25.49 9.53 7.41
CA ALA B 303 -26.93 9.74 7.29
C ALA B 303 -27.34 9.96 5.84
N HIS B 304 -26.63 10.82 5.12
CA HIS B 304 -27.03 11.15 3.75
C HIS B 304 -25.86 11.19 2.78
N VAL B 305 -24.96 12.18 2.91
CA VAL B 305 -23.78 12.29 2.04
C VAL B 305 -22.57 12.69 2.89
N THR B 306 -21.42 12.68 2.26
CA THR B 306 -20.20 13.18 2.87
C THR B 306 -19.85 14.52 2.24
N PHE B 307 -18.68 15.03 2.59
CA PHE B 307 -18.37 16.43 2.38
C PHE B 307 -18.36 16.76 0.89
N ALA B 308 -18.68 18.02 0.60
CA ALA B 308 -18.87 18.50 -0.75
C ALA B 308 -17.53 18.72 -1.38
N ARG B 309 -17.45 18.45 -2.68
CA ARG B 309 -16.34 18.85 -3.53
C ARG B 309 -16.84 19.88 -4.52
N TYR B 310 -16.04 20.91 -4.76
CA TYR B 310 -16.30 21.86 -5.82
C TYR B 310 -15.35 21.56 -6.97
N ALA B 311 -15.89 21.44 -8.17
CA ALA B 311 -15.07 21.15 -9.34
C ALA B 311 -14.19 22.36 -9.69
N THR B 312 -12.90 22.11 -9.93
CA THR B 312 -12.02 23.18 -10.36
C THR B 312 -11.93 23.28 -11.89
N GLU B 313 -12.50 22.33 -12.60
CA GLU B 313 -12.67 22.49 -14.04
C GLU B 313 -13.82 21.58 -14.46
N ASP B 314 -14.18 21.67 -15.72
CA ASP B 314 -15.33 20.96 -16.23
C ASP B 314 -15.04 19.47 -16.24
N VAL B 315 -15.82 18.70 -15.49
CA VAL B 315 -15.70 17.25 -15.53
C VAL B 315 -17.04 16.65 -15.95
N TRP B 316 -16.99 15.66 -16.85
CA TRP B 316 -18.18 14.95 -17.31
C TRP B 316 -18.33 13.63 -16.56
N LEU B 317 -19.49 13.44 -15.91
CA LEU B 317 -19.89 12.17 -15.31
C LEU B 317 -21.38 12.23 -15.03
N GLY B 318 -22.03 11.06 -15.02
CA GLY B 318 -23.44 11.00 -14.74
C GLY B 318 -24.29 11.72 -15.76
N GLY B 319 -23.98 11.57 -17.04
CA GLY B 319 -24.72 12.26 -18.07
C GLY B 319 -24.74 13.77 -17.91
N THR B 320 -23.85 14.31 -17.07
CA THR B 320 -23.81 15.73 -16.71
C THR B 320 -22.40 16.27 -16.90
N LEU B 321 -22.29 17.42 -17.56
CA LEU B 321 -21.06 18.19 -17.55
C LEU B 321 -21.11 19.07 -16.31
N VAL B 322 -20.33 18.72 -15.30
CA VAL B 322 -20.23 19.53 -14.09
C VAL B 322 -19.22 20.61 -14.38
N ARG B 323 -19.67 21.86 -14.32
CA ARG B 323 -18.82 22.98 -14.67
C ARG B 323 -17.92 23.37 -13.50
N ALA B 324 -16.75 23.93 -13.85
CA ALA B 324 -15.84 24.50 -12.85
C ALA B 324 -16.60 25.29 -11.81
N GLY B 325 -16.24 25.09 -10.55
CA GLY B 325 -16.90 25.82 -9.51
C GLY B 325 -18.24 25.29 -9.07
N GLU B 326 -18.67 24.13 -9.58
CA GLU B 326 -19.92 23.53 -9.16
C GLU B 326 -19.71 22.47 -8.08
N ALA B 327 -20.73 22.28 -7.25
CA ALA B 327 -20.65 21.39 -6.08
C ALA B 327 -21.21 20.00 -6.39
N VAL B 328 -20.52 18.97 -5.86
CA VAL B 328 -20.95 17.58 -5.99
C VAL B 328 -21.05 16.98 -4.60
N LEU B 329 -22.04 16.09 -4.41
CA LEU B 329 -22.28 15.45 -3.13
C LEU B 329 -22.09 13.94 -3.27
N PRO B 330 -21.11 13.34 -2.54
CA PRO B 330 -20.89 11.90 -2.66
C PRO B 330 -21.79 11.10 -1.73
N ALA B 331 -22.82 10.46 -2.28
CA ALA B 331 -23.66 9.60 -1.46
C ALA B 331 -22.92 8.29 -1.28
N VAL B 332 -22.10 8.22 -0.24
CA VAL B 332 -21.28 7.04 0.06
C VAL B 332 -22.12 5.82 0.42
N PRO B 333 -23.20 5.91 1.23
CA PRO B 333 -23.99 4.69 1.49
C PRO B 333 -24.60 4.10 0.23
N SER B 334 -24.97 4.95 -0.73
CA SER B 334 -25.55 4.48 -1.98
C SER B 334 -24.50 3.77 -2.85
N ALA B 335 -23.28 4.31 -2.90
CA ALA B 335 -22.17 3.67 -3.61
C ALA B 335 -21.83 2.31 -3.06
N ASN B 336 -22.11 2.06 -1.78
CA ASN B 336 -21.80 0.78 -1.16
C ASN B 336 -22.88 -0.27 -1.37
N ARG B 337 -24.01 0.10 -1.98
CA ARG B 337 -25.07 -0.86 -2.29
C ARG B 337 -25.16 -1.11 -3.77
N ASP B 338 -24.11 -0.74 -4.51
CA ASP B 338 -24.14 -0.72 -5.98
C ASP B 338 -24.03 -2.13 -6.53
N ALA B 339 -25.05 -2.53 -7.29
CA ALA B 339 -25.15 -3.87 -7.84
C ALA B 339 -24.14 -4.12 -8.96
N GLU B 340 -23.62 -3.08 -9.59
CA GLU B 340 -22.54 -3.31 -10.54
C GLU B 340 -21.24 -3.71 -9.85
N VAL B 341 -21.14 -3.54 -8.53
CA VAL B 341 -19.92 -3.76 -7.79
C VAL B 341 -20.06 -4.89 -6.78
N PHE B 342 -21.20 -4.96 -6.09
CA PHE B 342 -21.40 -5.93 -5.01
C PHE B 342 -22.47 -6.95 -5.39
N ASP B 343 -22.13 -8.23 -5.30
CA ASP B 343 -23.10 -9.28 -5.50
C ASP B 343 -24.10 -9.22 -4.36
N GLU B 344 -25.40 -9.06 -4.70
CA GLU B 344 -26.49 -8.96 -3.73
C GLU B 344 -26.12 -7.96 -2.65
N PRO B 345 -25.98 -6.68 -3.00
CA PRO B 345 -25.41 -5.73 -2.06
C PRO B 345 -26.32 -5.36 -0.91
N ASP B 346 -27.60 -5.72 -0.97
CA ASP B 346 -28.56 -5.40 0.07
C ASP B 346 -28.75 -6.55 1.06
N ARG B 347 -27.89 -7.55 1.02
CA ARG B 347 -27.93 -8.67 1.95
C ARG B 347 -26.59 -8.76 2.66
N LEU B 348 -26.63 -9.04 3.96
CA LEU B 348 -25.42 -9.15 4.77
C LEU B 348 -24.69 -10.45 4.44
N ASP B 349 -23.48 -10.35 3.94
CA ASP B 349 -22.67 -11.53 3.63
C ASP B 349 -21.32 -11.32 4.30
N LEU B 350 -21.27 -11.57 5.61
CA LEU B 350 -20.07 -11.43 6.41
C LEU B 350 -18.88 -12.22 5.85
N THR B 351 -19.11 -13.10 4.90
CA THR B 351 -18.04 -13.95 4.39
C THR B 351 -17.45 -13.46 3.07
N ARG B 352 -17.93 -12.33 2.53
CA ARG B 352 -17.36 -11.77 1.30
C ARG B 352 -15.86 -11.52 1.47
N ARG B 353 -15.05 -12.02 0.52
CA ARG B 353 -13.60 -11.91 0.62
C ARG B 353 -13.05 -10.63 -0.01
N HIS B 354 -13.67 -10.11 -1.06
CA HIS B 354 -13.25 -8.88 -1.75
C HIS B 354 -14.38 -7.86 -1.63
N ASN B 355 -14.08 -6.72 -1.02
CA ASN B 355 -15.10 -5.78 -0.55
C ASN B 355 -14.59 -4.37 -0.79
N PRO B 356 -14.51 -3.94 -2.06
CA PRO B 356 -14.04 -2.58 -2.35
C PRO B 356 -15.04 -1.50 -1.98
N HIS B 357 -15.58 -1.52 -0.76
CA HIS B 357 -16.51 -0.49 -0.36
C HIS B 357 -15.80 0.84 -0.19
N LEU B 358 -16.58 1.85 0.25
CA LEU B 358 -16.13 3.23 0.40
C LEU B 358 -16.60 3.82 1.72
N ALA B 359 -16.87 2.97 2.72
CA ALA B 359 -17.19 3.45 4.06
C ALA B 359 -16.07 4.29 4.68
N PHE B 360 -14.83 4.15 4.20
CA PHE B 360 -13.71 4.97 4.64
C PHE B 360 -13.29 5.94 3.56
N GLY B 361 -14.08 6.10 2.54
CA GLY B 361 -13.72 6.98 1.47
C GLY B 361 -12.87 6.26 0.45
N HIS B 362 -12.20 7.07 -0.36
CA HIS B 362 -11.46 6.60 -1.52
C HIS B 362 -10.42 7.65 -1.87
N GLY B 363 -9.15 7.23 -1.94
CA GLY B 363 -8.10 8.07 -2.50
C GLY B 363 -7.50 9.00 -1.46
N LEU B 364 -7.36 10.28 -1.83
CA LEU B 364 -6.57 11.24 -1.07
C LEU B 364 -6.97 11.29 0.40
N HIS B 365 -8.27 11.44 0.67
CA HIS B 365 -8.78 11.59 2.03
C HIS B 365 -9.27 10.27 2.63
N HIS B 366 -8.76 9.14 2.16
CA HIS B 366 -9.13 7.85 2.73
C HIS B 366 -8.99 7.91 4.25
N CYS B 367 -9.91 7.27 4.94
CA CYS B 367 -10.02 7.50 6.39
C CYS B 367 -8.73 7.24 7.13
N LEU B 368 -8.17 8.31 7.73
CA LEU B 368 -6.97 8.19 8.55
C LEU B 368 -7.11 7.12 9.62
N GLY B 369 -8.27 7.06 10.27
CA GLY B 369 -8.48 6.04 11.30
C GLY B 369 -8.88 4.66 10.83
N ALA B 370 -8.76 4.35 9.54
CA ALA B 370 -9.26 3.08 9.01
C ALA B 370 -8.73 1.88 9.78
N SER B 371 -7.42 1.82 10.00
CA SER B 371 -6.83 0.69 10.70
C SER B 371 -7.22 0.69 12.17
N LEU B 372 -7.30 1.87 12.77
CA LEU B 372 -7.70 1.95 14.17
C LEU B 372 -9.08 1.32 14.37
N VAL B 373 -10.06 1.72 13.53
CA VAL B 373 -11.43 1.22 13.63
C VAL B 373 -11.46 -0.29 13.41
N ARG B 374 -10.75 -0.76 12.38
CA ARG B 374 -10.68 -2.18 12.09
C ARG B 374 -10.29 -3.00 13.30
N VAL B 375 -9.20 -2.63 13.98
CA VAL B 375 -8.73 -3.39 15.15
C VAL B 375 -9.73 -3.28 16.28
N GLN B 376 -10.37 -2.12 16.44
CA GLN B 376 -11.37 -1.97 17.50
C GLN B 376 -12.55 -2.90 17.30
N MET B 377 -13.13 -2.92 16.11
CA MET B 377 -14.33 -3.73 15.89
C MET B 377 -13.98 -5.23 15.86
N GLU B 378 -12.91 -5.59 15.15
CA GLU B 378 -12.48 -6.98 15.13
C GLU B 378 -12.39 -7.51 16.54
N VAL B 379 -11.63 -6.82 17.39
CA VAL B 379 -11.46 -7.30 18.75
C VAL B 379 -12.78 -7.31 19.49
N ALA B 380 -13.61 -6.31 19.24
CA ALA B 380 -14.79 -6.14 20.07
C ALA B 380 -15.88 -7.13 19.69
N LEU B 381 -16.15 -7.26 18.39
CA LEU B 381 -17.09 -8.26 17.89
C LEU B 381 -16.64 -9.66 18.27
N THR B 382 -15.34 -9.94 18.14
CA THR B 382 -14.83 -11.25 18.49
C THR B 382 -15.08 -11.58 19.96
N MET B 383 -14.63 -10.72 20.86
CA MET B 383 -14.68 -11.05 22.28
C MET B 383 -16.11 -11.03 22.80
N LEU B 384 -16.95 -10.11 22.31
CA LEU B 384 -18.33 -10.07 22.79
C LEU B 384 -19.05 -11.36 22.44
N LEU B 385 -19.03 -11.73 21.16
CA LEU B 385 -19.79 -12.89 20.71
C LEU B 385 -19.21 -14.17 21.27
N GLY B 386 -17.89 -14.26 21.37
CA GLY B 386 -17.30 -15.44 21.97
C GLY B 386 -17.70 -15.60 23.42
N ARG B 387 -17.79 -14.49 24.14
CA ARG B 387 -17.98 -14.56 25.58
C ARG B 387 -19.44 -14.70 25.95
N PHE B 388 -20.32 -14.05 25.23
CA PHE B 388 -21.75 -14.21 25.47
C PHE B 388 -22.34 -14.97 24.30
N PRO B 389 -22.30 -16.31 24.32
CA PRO B 389 -22.76 -17.06 23.14
C PRO B 389 -24.25 -16.95 22.90
N ASP B 390 -25.03 -16.65 23.93
CA ASP B 390 -26.46 -16.39 23.77
C ASP B 390 -26.78 -14.92 24.00
N LEU B 391 -25.90 -14.02 23.58
CA LEU B 391 -26.22 -12.61 23.68
C LEU B 391 -27.44 -12.31 22.81
N ALA B 392 -28.37 -11.54 23.35
CA ALA B 392 -29.64 -11.30 22.67
C ALA B 392 -30.12 -9.90 22.99
N LEU B 393 -30.86 -9.32 22.05
CA LEU B 393 -31.59 -8.09 22.31
C LEU B 393 -32.56 -8.29 23.47
N ALA B 394 -32.52 -7.38 24.46
CA ALA B 394 -33.43 -7.45 25.59
C ALA B 394 -34.74 -6.70 25.34
N ALA B 395 -35.12 -6.52 24.07
CA ALA B 395 -36.26 -5.68 23.71
C ALA B 395 -36.64 -5.94 22.26
N PRO B 396 -37.78 -5.48 21.79
CA PRO B 396 -38.09 -5.62 20.37
C PRO B 396 -37.21 -4.69 19.56
N PRO B 397 -36.65 -5.16 18.43
CA PRO B 397 -35.88 -4.25 17.56
C PRO B 397 -36.58 -2.93 17.29
N ASP B 398 -37.91 -2.97 17.18
CA ASP B 398 -38.68 -1.78 16.85
C ASP B 398 -38.61 -0.73 17.93
N GLU B 399 -38.48 -1.13 19.18
CA GLU B 399 -38.43 -0.19 20.30
C GLU B 399 -37.03 0.32 20.59
N VAL B 400 -36.04 -0.02 19.77
CA VAL B 400 -34.70 0.55 19.93
C VAL B 400 -34.70 1.99 19.41
N PRO B 401 -34.24 2.97 20.21
CA PRO B 401 -34.22 4.36 19.77
C PRO B 401 -32.96 4.75 19.02
N TRP B 402 -33.13 5.63 18.01
CA TRP B 402 -32.09 6.06 17.08
C TRP B 402 -31.90 7.58 17.12
N THR B 403 -30.65 8.00 16.88
CA THR B 403 -30.36 9.43 16.77
C THR B 403 -31.06 10.02 15.56
N ARG B 404 -31.90 11.02 15.78
CA ARG B 404 -32.59 11.70 14.69
C ARG B 404 -31.96 13.06 14.44
N GLY B 405 -31.95 13.45 13.17
CA GLY B 405 -31.45 14.77 12.79
C GLY B 405 -29.96 14.96 12.88
N MET B 406 -29.17 13.88 12.89
CA MET B 406 -27.72 13.95 12.99
C MET B 406 -27.07 13.49 11.68
N GLN B 407 -25.74 13.65 11.60
CA GLN B 407 -25.00 13.31 10.39
C GLN B 407 -24.62 11.83 10.31
N ALA B 408 -24.77 11.09 11.40
CA ALA B 408 -24.36 9.69 11.47
C ALA B 408 -25.47 8.87 12.10
N ARG B 409 -25.65 7.66 11.56
CA ARG B 409 -26.69 6.77 12.05
C ARG B 409 -26.16 5.95 13.21
N SER B 410 -26.93 5.89 14.31
CA SER B 410 -26.55 5.02 15.42
C SER B 410 -27.76 4.73 16.29
N PRO B 411 -27.83 3.51 16.84
CA PRO B 411 -28.71 3.26 17.99
C PRO B 411 -28.37 4.20 19.12
N LEU B 412 -29.41 4.69 19.80
CA LEU B 412 -29.19 5.46 21.01
C LEU B 412 -29.02 4.54 22.21
N ARG B 413 -29.62 3.36 22.16
CA ARG B 413 -29.61 2.44 23.29
C ARG B 413 -29.66 1.02 22.73
N LEU B 414 -28.91 0.12 23.35
CA LEU B 414 -28.84 -1.28 22.94
C LEU B 414 -28.99 -2.14 24.19
N PRO B 415 -30.22 -2.38 24.63
CA PRO B 415 -30.43 -3.26 25.78
C PRO B 415 -30.23 -4.70 25.37
N VAL B 416 -29.43 -5.44 26.14
CA VAL B 416 -29.12 -6.82 25.83
C VAL B 416 -29.10 -7.65 27.12
N THR B 417 -29.00 -8.97 26.93
CA THR B 417 -29.12 -9.96 28.00
C THR B 417 -28.41 -11.20 27.50
N TRP B 418 -28.27 -12.19 28.39
CA TRP B 418 -27.53 -13.40 28.05
C TRP B 418 -27.72 -14.53 29.08
CHA HEM C . 16.87 -11.48 -4.10
CHB HEM C . 16.91 -7.55 -7.01
CHC HEM C . 21.60 -8.50 -8.11
CHD HEM C . 21.41 -12.59 -5.49
C1A HEM C . 16.46 -10.36 -4.79
C2A HEM C . 15.15 -9.75 -4.72
C3A HEM C . 15.15 -8.66 -5.51
C4A HEM C . 16.48 -8.53 -6.12
CMA HEM C . 13.98 -7.70 -5.74
CAA HEM C . 13.98 -10.28 -3.85
CBA HEM C . 12.96 -11.03 -4.72
CGA HEM C . 11.66 -11.35 -4.00
O1A HEM C . 10.66 -11.66 -4.71
O2A HEM C . 11.57 -11.30 -2.74
C1B HEM C . 18.20 -7.45 -7.55
C2B HEM C . 18.70 -6.39 -8.40
C3B HEM C . 19.99 -6.68 -8.71
C4B HEM C . 20.35 -7.91 -8.05
CMB HEM C . 17.84 -5.19 -8.85
CAB HEM C . 21.02 -5.93 -9.55
CBB HEM C . 20.83 -4.69 -10.00
C1C HEM C . 21.98 -9.65 -7.46
C2C HEM C . 23.33 -10.21 -7.39
C3C HEM C . 23.26 -11.35 -6.65
C4C HEM C . 21.89 -11.54 -6.23
CMC HEM C . 24.56 -9.56 -8.07
CAC HEM C . 24.36 -12.37 -6.27
CBC HEM C . 25.50 -12.49 -6.97
C1D HEM C . 20.15 -12.66 -4.94
C2D HEM C . 19.64 -13.77 -4.18
C3D HEM C . 18.39 -13.48 -3.79
C4D HEM C . 18.07 -12.15 -4.28
CMD HEM C . 20.42 -15.07 -3.89
CAD HEM C . 17.48 -14.39 -2.93
CBD HEM C . 17.88 -14.07 -1.49
CGD HEM C . 17.13 -14.92 -0.51
O1D HEM C . 16.22 -15.66 -0.98
O2D HEM C . 17.43 -14.87 0.71
NA HEM C . 17.24 -9.59 -5.64
NB HEM C . 19.25 -8.36 -7.35
NC HEM C . 21.14 -10.47 -6.74
ND HEM C . 19.16 -11.69 -4.98
FE HEM C . 19.27 -10.08 -6.15
N B9L D . 11.15 -12.99 -11.15
CA B9L D . 11.55 -12.02 -12.19
C B9L D . 12.95 -12.37 -12.80
O B9L D . 13.45 -11.58 -13.60
CB B9L D . 11.60 -10.59 -11.65
CG B9L D . 12.70 -10.42 -10.83
CD1 B9L D . 12.63 -10.82 -9.50
CD2 B9L D . 13.86 -9.83 -11.33
CE1 B9L D . 13.74 -10.65 -8.67
CE2 B9L D . 14.97 -9.67 -10.50
CZ B9L D . 14.90 -10.08 -9.16
CAB B9L D . 16.46 -16.44 -8.25
CAC B9L D . 16.72 -15.53 -7.23
CAD B9L D . 16.79 -14.18 -7.54
CAE B9L D . 16.63 -13.76 -8.80
CAF B9L D . 16.39 -14.63 -9.79
CAG B9L D . 16.30 -15.94 -9.55
CAI B9L D . 9.67 -13.05 -11.03
CAK B9L D . 16.46 -12.63 -10.67
CAL B9L D . 16.28 -13.93 -10.91
CAM B9L D . 15.99 -14.55 -12.25
CAN B9L D . 14.91 -13.79 -13.05
CAO B9L D . 14.57 -14.65 -14.26
NAJ B9L D . 16.67 -12.53 -9.35
NAX B9L D . 13.61 -13.50 -12.41
OAP B9L D . 13.80 -15.78 -13.86
CHA HEM E . -11.79 10.39 6.52
CHB HEM E . -15.37 7.30 7.74
CHC HEM E . -13.25 6.75 12.15
CHD HEM E . -10.16 10.36 11.10
C1A HEM E . -12.95 9.63 6.47
C2A HEM E . -13.91 9.63 5.40
C3A HEM E . -14.91 8.78 5.72
C4A HEM E . -14.62 8.22 7.02
CMA HEM E . -16.15 8.46 4.85
CAA HEM E . -13.74 10.47 4.13
CBA HEM E . -14.85 11.49 3.85
CGA HEM E . -14.64 12.01 2.45
O1A HEM E . -15.41 12.89 1.99
O2A HEM E . -13.68 11.54 1.78
C1B HEM E . -15.08 6.86 9.03
C2B HEM E . -15.77 5.83 9.75
C3B HEM E . -15.19 5.70 10.98
C4B HEM E . -14.10 6.61 11.06
CMB HEM E . -16.99 5.08 9.17
CAB HEM E . -15.51 4.77 12.15
CBB HEM E . -16.28 3.68 12.04
C1C HEM E . -12.16 7.61 12.24
C2C HEM E . -11.13 7.68 13.27
C3C HEM E . -10.28 8.68 12.94
C4C HEM E . -10.75 9.28 11.71
CMC HEM E . -11.05 6.74 14.49
CAC HEM E . -9.04 9.25 13.66
CBC HEM E . -8.92 9.24 14.99
C1D HEM E . -10.36 10.71 9.80
C2D HEM E . -9.69 11.79 9.11
C3D HEM E . -10.13 11.79 7.86
C4D HEM E . -11.10 10.72 7.68
CMD HEM E . -8.65 12.74 9.74
CAD HEM E . -9.67 12.77 6.77
CBD HEM E . -8.45 12.12 6.15
CGD HEM E . -7.93 12.95 5.01
O1D HEM E . -8.56 14.00 4.70
O2D HEM E . -6.91 12.53 4.42
NA HEM E . -13.41 8.75 7.45
NB HEM E . -14.06 7.31 9.87
NC HEM E . -11.89 8.60 11.31
ND HEM E . -11.22 10.08 8.91
FE HEM E . -12.64 8.64 9.43
N B9L F . -18.12 14.01 11.35
CA B9L F . -16.95 14.37 10.54
C B9L F . -16.42 13.09 9.89
O B9L F . -15.89 13.15 8.76
CB B9L F . -15.83 15.03 11.39
CG B9L F . -14.65 14.92 10.65
CD1 B9L F . -14.50 15.60 9.44
CD2 B9L F . -13.61 14.10 11.10
CE1 B9L F . -13.33 15.46 8.70
CE2 B9L F . -12.45 13.97 10.35
CZ B9L F . -12.29 14.66 9.15
CAB B9L F . -21.03 11.48 8.77
CAC B9L F . -21.24 12.26 7.63
CAD B9L F . -20.19 12.46 6.75
CAE B9L F . -19.00 11.91 7.00
CAF B9L F . -18.80 11.16 8.10
CAG B9L F . -19.77 10.93 8.98
CAI B9L F . -19.25 14.78 10.78
CAK B9L F . -16.93 11.22 6.98
CAL B9L F . -17.55 10.77 8.06
CAM B9L F . -16.96 9.89 9.14
CAN B9L F . -16.09 10.64 10.19
CAO B9L F . -14.64 10.71 9.69
NAJ B9L F . -17.84 11.94 6.31
NAX B9L F . -16.59 11.98 10.62
OAP B9L F . -13.86 10.09 10.71
#